data_2AAL
#
_entry.id   2AAL
#
_cell.length_a   51.889
_cell.length_b   51.889
_cell.length_c   219.083
_cell.angle_alpha   90.00
_cell.angle_beta   90.00
_cell.angle_gamma   120.00
#
_symmetry.space_group_name_H-M   'P 32'
#
loop_
_entity.id
_entity.type
_entity.pdbx_description
1 polymer 'Malonate semialdehyde decarboxylase'
2 non-polymer 'MALONATE ION'
3 water water
#
_entity_poly.entity_id   1
_entity_poly.type   'polypeptide(L)'
_entity_poly.pdbx_seq_one_letter_code
;PLLKFDLFYGRTDAQIKSLLDAAHGAMVDAFGVPANDRYQTVSQHRPGEMVLEDTGLGYGRSSAVVLLTVISRPRSEEQK
VCFYKLLTGALERDCGISPDDVIVALVENSDADWSFGRGRAEFLTGDLVG
;
_entity_poly.pdbx_strand_id   A,B,C,D,E,F
#
# COMPACT_ATOMS: atom_id res chain seq x y z
N PRO A 1 -12.92 31.00 78.93
CA PRO A 1 -12.53 32.42 78.91
C PRO A 1 -12.75 33.14 80.24
N LEU A 2 -12.22 34.32 80.25
CA LEU A 2 -12.40 35.31 81.36
C LEU A 2 -13.24 36.51 80.89
N LEU A 3 -14.32 36.81 81.62
CA LEU A 3 -15.17 37.96 81.26
C LEU A 3 -15.06 39.04 82.29
N LYS A 4 -14.54 40.19 81.86
CA LYS A 4 -14.39 41.42 82.72
C LYS A 4 -15.42 42.55 82.31
N PHE A 5 -16.31 42.92 83.22
CA PHE A 5 -17.36 43.88 82.97
C PHE A 5 -16.97 45.21 83.57
N ASP A 6 -17.14 46.31 82.80
CA ASP A 6 -17.10 47.69 83.37
C ASP A 6 -18.49 48.28 83.25
N LEU A 7 -19.10 48.60 84.39
CA LEU A 7 -20.47 49.19 84.44
C LEU A 7 -20.49 50.43 85.37
N PHE A 8 -21.52 51.25 85.24
CA PHE A 8 -21.72 52.29 86.24
C PHE A 8 -22.35 51.75 87.51
N TYR A 9 -22.01 52.37 88.66
CA TYR A 9 -22.65 52.08 89.93
C TYR A 9 -24.13 52.38 89.79
N GLY A 10 -24.95 51.65 90.55
CA GLY A 10 -26.41 51.90 90.67
C GLY A 10 -27.23 50.62 90.69
N ARG A 11 -26.63 49.48 90.30
CA ARG A 11 -27.39 48.22 90.32
C ARG A 11 -27.37 47.66 91.68
N THR A 12 -28.48 46.97 92.07
N THR A 12 -28.44 46.93 92.04
CA THR A 12 -28.56 46.19 93.30
CA THR A 12 -28.48 46.22 93.27
C THR A 12 -27.72 44.98 93.09
C THR A 12 -27.63 45.01 93.08
N ASP A 13 -27.39 44.29 94.18
CA ASP A 13 -26.58 43.08 94.16
C ASP A 13 -27.26 42.06 93.31
N ALA A 14 -28.62 42.02 93.42
CA ALA A 14 -29.35 41.04 92.60
C ALA A 14 -29.22 41.35 91.12
N GLN A 15 -29.20 42.66 90.74
CA GLN A 15 -29.13 43.03 89.35
C GLN A 15 -27.72 42.71 88.80
N ILE A 16 -26.69 42.97 89.61
CA ILE A 16 -25.34 42.61 89.22
C ILE A 16 -25.33 41.07 88.93
N LYS A 17 -25.92 40.30 89.84
CA LYS A 17 -25.83 38.85 89.71
C LYS A 17 -26.57 38.39 88.47
N SER A 18 -27.73 39.02 88.24
N SER A 18 -27.69 39.05 88.20
CA SER A 18 -28.51 38.78 87.05
CA SER A 18 -28.45 38.72 87.03
C SER A 18 -27.71 38.99 85.77
C SER A 18 -27.69 38.99 85.74
N LEU A 19 -26.96 40.10 85.74
CA LEU A 19 -26.12 40.51 84.62
C LEU A 19 -25.02 39.43 84.41
N LEU A 20 -24.39 39.02 85.51
CA LEU A 20 -23.36 37.97 85.36
C LEU A 20 -23.87 36.59 84.92
N ASP A 21 -24.98 36.12 85.56
CA ASP A 21 -25.64 34.91 85.17
C ASP A 21 -26.06 34.90 83.70
N ALA A 22 -26.66 36.01 83.24
CA ALA A 22 -27.06 36.16 81.87
C ALA A 22 -25.89 36.06 80.90
N ALA A 23 -24.86 36.86 81.19
CA ALA A 23 -23.67 36.83 80.35
C ALA A 23 -23.00 35.43 80.31
N HIS A 24 -22.88 34.79 81.45
CA HIS A 24 -22.35 33.45 81.55
C HIS A 24 -23.06 32.43 80.68
N GLY A 25 -24.40 32.45 80.74
CA GLY A 25 -25.15 31.55 79.94
C GLY A 25 -24.92 31.70 78.49
N ALA A 26 -24.79 32.95 78.03
CA ALA A 26 -24.66 33.24 76.63
C ALA A 26 -23.34 32.78 76.17
N MET A 27 -22.31 32.98 77.01
CA MET A 27 -20.96 32.44 76.75
C MET A 27 -20.96 30.92 76.61
N VAL A 28 -21.50 30.22 77.61
CA VAL A 28 -21.56 28.75 77.55
C VAL A 28 -22.32 28.29 76.30
N ASP A 29 -23.45 28.97 75.99
CA ASP A 29 -24.22 28.59 74.78
C ASP A 29 -23.47 28.75 73.49
N ALA A 30 -22.74 29.86 73.33
CA ALA A 30 -21.91 30.15 72.17
C ALA A 30 -20.68 29.25 72.06
N PHE A 31 -20.02 28.96 73.21
CA PHE A 31 -18.64 28.46 73.13
C PHE A 31 -18.63 26.94 73.39
N GLY A 32 -19.68 26.40 74.02
CA GLY A 32 -19.72 25.00 74.25
C GLY A 32 -18.81 24.52 75.36
N VAL A 33 -18.55 25.36 76.34
CA VAL A 33 -17.63 25.06 77.46
C VAL A 33 -18.47 24.58 78.65
N PRO A 34 -17.84 23.90 79.58
CA PRO A 34 -18.55 23.44 80.79
C PRO A 34 -19.18 24.57 81.56
N ALA A 35 -20.34 24.31 82.15
CA ALA A 35 -21.04 25.32 82.90
C ALA A 35 -20.20 25.90 84.06
N ASN A 36 -19.29 25.11 84.61
CA ASN A 36 -18.42 25.61 85.66
C ASN A 36 -17.12 26.27 85.21
N ASP A 37 -17.00 26.57 83.92
CA ASP A 37 -15.86 27.30 83.37
C ASP A 37 -16.27 28.73 83.47
N ARG A 38 -16.38 29.19 84.71
CA ARG A 38 -16.93 30.54 84.98
C ARG A 38 -15.95 31.42 85.69
N TYR A 39 -15.52 32.48 85.00
CA TYR A 39 -14.48 33.36 85.53
C TYR A 39 -14.90 34.74 85.12
N GLN A 40 -15.40 35.50 86.09
CA GLN A 40 -15.96 36.83 85.79
C GLN A 40 -15.55 37.88 86.80
N THR A 41 -15.26 39.07 86.33
CA THR A 41 -15.17 40.21 87.24
C THR A 41 -16.04 41.38 86.85
N VAL A 42 -16.40 42.18 87.85
CA VAL A 42 -17.13 43.42 87.65
C VAL A 42 -16.45 44.57 88.34
N SER A 43 -16.19 45.63 87.59
CA SER A 43 -15.68 46.87 88.11
C SER A 43 -16.74 47.99 87.94
N GLN A 44 -17.22 48.56 89.07
CA GLN A 44 -18.22 49.60 88.95
C GLN A 44 -17.66 51.00 89.01
N HIS A 45 -18.29 51.93 88.27
CA HIS A 45 -17.69 53.23 88.00
C HIS A 45 -18.58 54.35 88.41
N ARG A 46 -17.99 55.44 88.84
CA ARG A 46 -18.75 56.68 89.02
C ARG A 46 -19.04 57.32 87.68
N PRO A 47 -20.07 58.20 87.63
CA PRO A 47 -20.33 58.91 86.37
C PRO A 47 -19.07 59.69 85.96
N GLY A 48 -18.74 59.84 84.71
CA GLY A 48 -17.46 60.46 84.42
C GLY A 48 -16.44 59.41 84.10
N GLU A 49 -16.55 58.23 84.68
CA GLU A 49 -15.43 57.27 84.59
C GLU A 49 -15.55 56.36 83.38
N MET A 50 -16.65 56.43 82.62
CA MET A 50 -16.62 55.81 81.27
C MET A 50 -17.21 56.78 80.26
N VAL A 51 -16.61 56.80 79.07
CA VAL A 51 -17.13 57.50 77.91
C VAL A 51 -17.23 56.55 76.76
N LEU A 52 -18.46 56.28 76.33
CA LEU A 52 -18.68 55.21 75.36
C LEU A 52 -19.64 55.71 74.29
N GLU A 53 -19.07 56.14 73.18
CA GLU A 53 -19.85 56.72 72.08
C GLU A 53 -20.22 55.57 71.13
N ASP A 54 -20.36 55.86 69.84
CA ASP A 54 -20.90 54.85 68.95
C ASP A 54 -20.33 54.90 67.57
N THR A 55 -19.24 55.69 67.37
CA THR A 55 -18.59 55.73 66.03
C THR A 55 -19.60 56.05 64.93
N GLY A 56 -20.59 56.85 65.28
CA GLY A 56 -21.59 57.26 64.30
C GLY A 56 -22.60 56.19 63.90
N LEU A 57 -22.64 55.07 64.61
CA LEU A 57 -23.55 53.94 64.22
C LEU A 57 -25.02 54.14 64.57
N GLY A 58 -25.32 55.16 65.35
CA GLY A 58 -26.68 55.44 65.73
C GLY A 58 -27.23 54.62 66.88
N TYR A 59 -26.40 54.27 67.83
CA TYR A 59 -26.75 53.57 69.06
C TYR A 59 -27.09 54.57 70.13
N GLY A 60 -28.17 54.23 70.86
CA GLY A 60 -28.70 55.02 71.97
C GLY A 60 -28.28 54.42 73.33
N ARG A 61 -27.17 54.92 73.87
CA ARG A 61 -26.61 54.37 75.12
C ARG A 61 -27.27 55.10 76.27
N SER A 62 -27.20 54.47 77.44
CA SER A 62 -27.65 55.04 78.70
C SER A 62 -26.68 54.72 79.80
N SER A 63 -27.01 55.12 81.01
CA SER A 63 -26.17 54.80 82.16
C SER A 63 -26.11 53.27 82.45
N ALA A 64 -27.03 52.46 81.86
CA ALA A 64 -27.02 51.01 82.05
C ALA A 64 -25.96 50.35 81.20
N VAL A 65 -25.23 51.13 80.40
CA VAL A 65 -24.24 50.56 79.47
C VAL A 65 -23.27 49.56 80.14
N VAL A 66 -23.09 48.43 79.46
CA VAL A 66 -22.18 47.39 79.92
C VAL A 66 -21.03 47.28 78.91
N LEU A 67 -19.78 47.49 79.41
CA LEU A 67 -18.59 47.17 78.57
C LEU A 67 -18.02 45.85 78.99
N LEU A 68 -17.94 44.93 78.03
CA LEU A 68 -17.38 43.61 78.38
C LEU A 68 -16.04 43.37 77.71
N THR A 69 -15.03 43.01 78.48
N THR A 69 -14.99 43.08 78.49
CA THR A 69 -13.76 42.62 77.89
CA THR A 69 -13.74 42.63 77.86
C THR A 69 -13.61 41.13 78.07
C THR A 69 -13.55 41.16 78.09
N VAL A 70 -13.30 40.42 76.99
CA VAL A 70 -13.16 38.93 77.06
C VAL A 70 -11.71 38.56 76.80
N ILE A 71 -11.17 37.69 77.63
CA ILE A 71 -9.89 37.05 77.27
C ILE A 71 -10.13 35.59 77.03
N SER A 72 -9.73 35.11 75.84
CA SER A 72 -10.08 33.80 75.41
C SER A 72 -9.01 33.16 74.56
N ARG A 73 -8.99 31.82 74.60
CA ARG A 73 -8.22 31.02 73.59
C ARG A 73 -9.01 31.13 72.26
N PRO A 74 -8.41 30.85 71.11
CA PRO A 74 -9.10 31.11 69.84
C PRO A 74 -10.42 30.40 69.61
N ARG A 75 -11.45 31.15 69.25
CA ARG A 75 -12.75 30.58 68.91
C ARG A 75 -12.98 30.94 67.46
N SER A 76 -13.85 30.22 66.76
CA SER A 76 -14.15 30.51 65.36
C SER A 76 -14.89 31.82 65.26
N GLU A 77 -14.83 32.43 64.07
CA GLU A 77 -15.57 33.67 63.82
C GLU A 77 -17.06 33.46 64.08
N GLU A 78 -17.57 32.25 63.72
CA GLU A 78 -18.97 31.96 63.95
C GLU A 78 -19.37 31.98 65.39
N GLN A 79 -18.55 31.33 66.21
CA GLN A 79 -18.75 31.33 67.66
C GLN A 79 -18.69 32.76 68.26
N LYS A 80 -17.76 33.61 67.82
CA LYS A 80 -17.71 34.98 68.28
C LYS A 80 -18.95 35.75 67.93
N VAL A 81 -19.37 35.68 66.66
CA VAL A 81 -20.62 36.33 66.16
C VAL A 81 -21.87 35.83 66.93
N CYS A 82 -21.94 34.52 67.14
CA CYS A 82 -22.96 33.93 67.91
C CYS A 82 -22.95 34.42 69.38
N PHE A 83 -21.76 34.51 69.97
CA PHE A 83 -21.69 35.03 71.35
C PHE A 83 -22.28 36.46 71.45
N TYR A 84 -21.86 37.34 70.58
CA TYR A 84 -22.34 38.70 70.66
C TYR A 84 -23.86 38.74 70.64
N LYS A 85 -24.48 37.95 69.75
CA LYS A 85 -25.96 37.91 69.64
C LYS A 85 -26.64 37.35 70.85
N LEU A 86 -26.10 36.22 71.32
CA LEU A 86 -26.69 35.56 72.43
C LEU A 86 -26.55 36.43 73.68
N LEU A 87 -25.39 37.14 73.80
CA LEU A 87 -25.17 38.00 74.93
C LEU A 87 -26.21 39.14 74.99
N THR A 88 -26.43 39.76 73.84
CA THR A 88 -27.40 40.88 73.90
C THR A 88 -28.81 40.34 74.15
N GLY A 89 -29.10 39.17 73.60
CA GLY A 89 -30.42 38.59 73.74
C GLY A 89 -30.73 38.36 75.18
N ALA A 90 -29.75 37.75 75.85
CA ALA A 90 -29.86 37.39 77.24
C ALA A 90 -29.90 38.58 78.18
N LEU A 91 -29.06 39.58 77.86
CA LEU A 91 -29.03 40.78 78.69
C LEU A 91 -30.33 41.56 78.58
N GLU A 92 -30.94 41.52 77.40
CA GLU A 92 -32.25 42.18 77.24
C GLU A 92 -33.36 41.40 77.95
N ARG A 93 -33.52 40.14 77.63
CA ARG A 93 -34.52 39.34 78.34
C ARG A 93 -34.35 39.24 79.88
N ASP A 94 -33.16 38.90 80.35
CA ASP A 94 -33.02 38.59 81.75
C ASP A 94 -32.86 39.87 82.58
N CYS A 95 -32.28 40.93 81.98
CA CYS A 95 -31.92 42.16 82.72
C CYS A 95 -32.60 43.47 82.30
N GLY A 96 -33.31 43.45 81.17
CA GLY A 96 -33.86 44.67 80.62
C GLY A 96 -32.88 45.65 80.08
N ILE A 97 -31.70 45.16 79.68
CA ILE A 97 -30.67 46.00 79.12
C ILE A 97 -30.79 46.05 77.63
N SER A 98 -30.91 47.24 77.06
CA SER A 98 -30.99 47.38 75.58
C SER A 98 -29.74 46.85 74.93
N PRO A 99 -29.88 46.10 73.83
CA PRO A 99 -28.70 45.75 73.03
C PRO A 99 -27.81 46.95 72.62
N ASP A 100 -28.38 48.16 72.56
CA ASP A 100 -27.62 49.38 72.32
C ASP A 100 -26.70 49.76 73.45
N ASP A 101 -26.84 49.08 74.57
CA ASP A 101 -26.06 49.35 75.76
C ASP A 101 -25.05 48.24 76.03
N VAL A 102 -24.64 47.51 75.01
CA VAL A 102 -23.73 46.37 75.25
C VAL A 102 -22.54 46.49 74.26
N ILE A 103 -21.32 46.54 74.79
CA ILE A 103 -20.10 46.67 74.00
C ILE A 103 -19.15 45.55 74.37
N VAL A 104 -18.55 44.89 73.37
CA VAL A 104 -17.66 43.80 73.63
C VAL A 104 -16.37 43.97 72.91
N ALA A 105 -15.28 43.69 73.61
CA ALA A 105 -13.99 43.59 72.94
C ALA A 105 -13.30 42.31 73.41
N LEU A 106 -12.86 41.50 72.43
CA LEU A 106 -12.20 40.27 72.72
C LEU A 106 -10.70 40.28 72.40
N VAL A 107 -9.93 39.69 73.31
CA VAL A 107 -8.46 39.50 73.11
C VAL A 107 -8.10 38.05 73.29
N GLU A 108 -7.22 37.53 72.42
CA GLU A 108 -6.94 36.10 72.40
C GLU A 108 -5.62 35.73 73.03
N ASN A 109 -5.59 34.54 73.56
CA ASN A 109 -4.28 33.99 73.95
C ASN A 109 -4.29 32.49 73.63
N SER A 110 -3.42 31.72 74.25
CA SER A 110 -3.30 30.31 73.84
C SER A 110 -3.16 29.43 75.04
N ASP A 111 -2.89 28.15 74.74
CA ASP A 111 -2.86 27.11 75.79
C ASP A 111 -1.94 27.37 76.95
N ALA A 112 -0.79 27.99 76.69
CA ALA A 112 0.14 28.14 77.78
C ALA A 112 -0.15 29.35 78.65
N ASP A 113 -1.24 30.06 78.33
CA ASP A 113 -1.47 31.34 78.98
C ASP A 113 -2.53 31.33 80.04
N TRP A 114 -2.80 30.13 80.57
CA TRP A 114 -3.82 30.03 81.59
C TRP A 114 -3.35 29.16 82.74
N SER A 115 -3.63 29.61 83.94
CA SER A 115 -3.45 28.73 85.15
C SER A 115 -4.70 28.87 86.03
N PHE A 116 -5.49 27.79 86.14
CA PHE A 116 -6.74 27.90 86.89
C PHE A 116 -6.60 27.65 88.35
N GLY A 117 -5.48 27.06 88.71
CA GLY A 117 -5.30 26.73 90.10
C GLY A 117 -3.99 26.01 90.37
N ARG A 118 -3.47 26.19 91.58
N ARG A 118 -3.47 26.20 91.57
CA ARG A 118 -2.31 25.40 92.03
CA ARG A 118 -2.31 25.44 92.05
C ARG A 118 -1.05 25.64 91.22
C ARG A 118 -1.06 25.61 91.18
N GLY A 119 -1.03 26.72 90.45
CA GLY A 119 0.07 27.04 89.54
C GLY A 119 0.27 26.00 88.44
N ARG A 120 -0.81 25.27 88.15
N ARG A 120 -0.81 25.27 88.16
CA ARG A 120 -0.87 24.29 87.07
CA ARG A 120 -0.84 24.29 87.08
C ARG A 120 -1.28 24.96 85.76
C ARG A 120 -1.28 24.96 85.77
N ALA A 121 -0.64 24.60 84.66
CA ALA A 121 -1.03 25.07 83.31
C ALA A 121 -1.93 23.96 82.76
N GLU A 122 -3.22 23.99 83.07
CA GLU A 122 -4.07 22.81 82.83
C GLU A 122 -4.29 22.48 81.37
N PHE A 123 -4.19 23.44 80.47
CA PHE A 123 -4.34 23.07 79.05
C PHE A 123 -3.09 22.35 78.61
N LEU A 124 -1.96 22.65 79.25
CA LEU A 124 -0.69 22.05 78.88
C LEU A 124 -0.58 20.66 79.49
N THR A 125 -1.12 20.47 80.72
CA THR A 125 -0.98 19.18 81.39
C THR A 125 -2.03 18.23 80.90
N GLY A 126 -3.12 18.75 80.34
CA GLY A 126 -4.18 17.90 79.81
C GLY A 126 -5.30 17.80 80.81
N ASP A 127 -5.15 18.44 81.97
CA ASP A 127 -6.25 18.43 82.91
C ASP A 127 -7.53 19.01 82.28
N LEU A 128 -7.36 19.95 81.36
CA LEU A 128 -8.49 20.53 80.63
C LEU A 128 -8.11 20.44 79.20
N VAL A 129 -9.13 20.29 78.36
CA VAL A 129 -8.92 20.28 76.93
C VAL A 129 -9.23 21.58 76.30
N PRO B 1 -10.27 51.89 68.88
CA PRO B 1 -9.73 51.16 70.05
C PRO B 1 -10.50 51.50 71.38
N LEU B 2 -10.16 50.75 72.37
CA LEU B 2 -10.67 50.97 73.74
C LEU B 2 -9.47 51.42 74.63
N LEU B 3 -9.66 52.55 75.33
CA LEU B 3 -8.63 53.12 76.18
C LEU B 3 -9.02 52.94 77.64
N LYS B 4 -8.25 52.13 78.36
CA LYS B 4 -8.58 51.95 79.78
C LYS B 4 -7.52 52.60 80.69
N PHE B 5 -7.91 53.53 81.57
CA PHE B 5 -6.96 54.30 82.36
C PHE B 5 -7.01 53.84 83.82
N ASP B 6 -5.83 53.72 84.42
CA ASP B 6 -5.69 53.45 85.87
C ASP B 6 -4.98 54.67 86.38
N LEU B 7 -5.57 55.32 87.40
CA LEU B 7 -5.04 56.55 87.97
C LEU B 7 -5.23 56.48 89.48
N PHE B 8 -4.61 57.36 90.20
CA PHE B 8 -4.93 57.47 91.65
C PHE B 8 -6.08 58.48 91.82
N TYR B 9 -6.91 58.25 92.82
CA TYR B 9 -7.87 59.26 93.27
C TYR B 9 -7.24 60.57 93.56
N GLY B 10 -8.05 61.62 93.37
CA GLY B 10 -7.59 62.95 93.76
C GLY B 10 -7.97 63.99 92.75
N ARG B 11 -8.28 63.59 91.52
CA ARG B 11 -8.72 64.54 90.49
C ARG B 11 -10.16 64.93 90.69
N THR B 12 -10.50 66.18 90.31
CA THR B 12 -11.92 66.55 90.19
C THR B 12 -12.53 65.93 88.95
N ASP B 13 -13.87 65.92 88.87
CA ASP B 13 -14.52 65.43 87.66
C ASP B 13 -14.07 66.13 86.42
N ALA B 14 -13.87 67.45 86.51
CA ALA B 14 -13.43 68.20 85.32
C ALA B 14 -11.99 67.79 84.91
N GLN B 15 -11.11 67.57 85.90
CA GLN B 15 -9.76 67.16 85.61
C GLN B 15 -9.78 65.77 84.94
N ILE B 16 -10.68 64.90 85.41
CA ILE B 16 -10.76 63.55 84.80
C ILE B 16 -11.29 63.68 83.40
N LYS B 17 -12.31 64.49 83.20
CA LYS B 17 -12.81 64.71 81.81
C LYS B 17 -11.68 65.24 80.89
N SER B 18 -10.97 66.25 81.39
CA SER B 18 -9.86 66.84 80.67
C SER B 18 -8.84 65.81 80.21
N LEU B 19 -8.41 64.96 81.16
CA LEU B 19 -7.49 63.87 80.86
C LEU B 19 -8.08 62.99 79.70
N LEU B 20 -9.33 62.67 79.81
CA LEU B 20 -9.96 61.80 78.81
C LEU B 20 -10.06 62.49 77.46
N ASP B 21 -10.46 63.76 77.47
CA ASP B 21 -10.52 64.54 76.20
C ASP B 21 -9.20 64.68 75.52
N ALA B 22 -8.18 65.00 76.30
CA ALA B 22 -6.82 65.17 75.79
C ALA B 22 -6.36 63.86 75.17
N ALA B 23 -6.61 62.74 75.86
CA ALA B 23 -6.11 61.48 75.38
C ALA B 23 -6.86 61.00 74.14
N HIS B 24 -8.15 61.26 74.14
CA HIS B 24 -8.96 60.87 72.98
C HIS B 24 -8.50 61.58 71.71
N GLY B 25 -8.23 62.89 71.84
CA GLY B 25 -7.71 63.66 70.72
C GLY B 25 -6.41 63.09 70.17
N ALA B 26 -5.51 62.72 71.08
CA ALA B 26 -4.19 62.21 70.65
C ALA B 26 -4.38 60.93 69.90
N MET B 27 -5.32 60.10 70.37
CA MET B 27 -5.57 58.82 69.71
C MET B 27 -6.15 59.01 68.29
N VAL B 28 -7.20 59.79 68.18
CA VAL B 28 -7.80 60.13 66.87
C VAL B 28 -6.76 60.63 65.91
N ASP B 29 -5.91 61.54 66.32
CA ASP B 29 -4.89 62.08 65.39
C ASP B 29 -3.81 61.05 65.06
N ALA B 30 -3.37 60.26 66.03
CA ALA B 30 -2.31 59.29 65.72
C ALA B 30 -2.86 58.15 64.81
N PHE B 31 -4.10 57.75 65.09
CA PHE B 31 -4.68 56.57 64.47
C PHE B 31 -5.48 56.88 63.21
N GLY B 32 -5.85 58.13 63.01
CA GLY B 32 -6.74 58.55 61.91
C GLY B 32 -8.15 57.98 61.90
N VAL B 33 -8.76 57.76 63.07
CA VAL B 33 -10.09 57.11 63.17
C VAL B 33 -11.08 58.25 63.26
N PRO B 34 -12.37 57.93 63.18
CA PRO B 34 -13.40 58.94 63.36
C PRO B 34 -13.34 59.62 64.73
N ALA B 35 -13.73 60.87 64.75
CA ALA B 35 -13.78 61.61 66.03
C ALA B 35 -14.70 61.08 67.10
N ASN B 36 -15.72 60.34 66.67
CA ASN B 36 -16.68 59.76 67.61
C ASN B 36 -16.39 58.31 67.84
N ASP B 37 -15.18 57.90 67.42
CA ASP B 37 -14.68 56.53 67.77
C ASP B 37 -14.14 56.53 69.22
N ARG B 38 -15.03 56.70 70.19
CA ARG B 38 -14.59 57.05 71.57
C ARG B 38 -15.10 56.05 72.62
N TYR B 39 -14.18 55.34 73.23
CA TYR B 39 -14.47 54.21 74.12
C TYR B 39 -13.38 54.25 75.17
N GLN B 40 -13.76 54.61 76.39
CA GLN B 40 -12.79 54.96 77.42
C GLN B 40 -13.35 54.62 78.80
N THR B 41 -12.52 54.00 79.61
CA THR B 41 -12.85 53.77 81.04
C THR B 41 -11.72 54.33 81.91
N VAL B 42 -12.07 54.65 83.18
CA VAL B 42 -11.14 55.18 84.18
C VAL B 42 -11.37 54.39 85.41
N SER B 43 -10.30 53.85 85.98
CA SER B 43 -10.47 53.18 87.29
C SER B 43 -9.58 53.93 88.25
N GLN B 44 -10.15 54.40 89.38
CA GLN B 44 -9.35 55.24 90.32
C GLN B 44 -8.87 54.40 91.51
N HIS B 45 -7.65 54.62 91.96
CA HIS B 45 -7.02 53.74 92.92
C HIS B 45 -6.66 54.45 94.14
N ARG B 46 -6.67 53.74 95.26
CA ARG B 46 -6.08 54.29 96.50
C ARG B 46 -4.58 54.14 96.47
N PRO B 47 -3.87 54.86 97.32
CA PRO B 47 -2.43 54.70 97.37
C PRO B 47 -2.18 53.23 97.70
N GLY B 48 -1.14 52.65 97.23
CA GLY B 48 -1.00 51.23 97.51
C GLY B 48 -1.50 50.37 96.37
N GLU B 49 -2.48 50.83 95.61
CA GLU B 49 -3.07 49.97 94.57
C GLU B 49 -2.41 50.05 93.19
N MET B 50 -1.40 50.89 93.05
CA MET B 50 -0.50 50.83 91.92
C MET B 50 0.92 50.95 92.41
N VAL B 51 1.81 50.14 91.83
CA VAL B 51 3.28 50.29 91.93
C VAL B 51 3.78 50.40 90.50
N LEU B 52 4.39 51.55 90.21
CA LEU B 52 4.77 51.86 88.87
C LEU B 52 6.18 52.44 88.87
N GLU B 53 7.14 51.59 88.59
CA GLU B 53 8.55 52.07 88.71
C GLU B 53 9.01 52.56 87.32
N ASP B 54 10.28 52.47 86.95
CA ASP B 54 10.68 53.03 85.66
C ASP B 54 11.66 52.16 84.86
N THR B 55 11.86 50.93 85.30
CA THR B 55 12.90 50.03 84.70
C THR B 55 14.26 50.71 84.57
N GLY B 56 14.54 51.61 85.50
CA GLY B 56 15.86 52.21 85.64
C GLY B 56 16.08 53.31 84.62
N LEU B 57 14.98 53.74 83.97
CA LEU B 57 15.11 54.76 82.87
C LEU B 57 15.21 56.21 83.39
N GLY B 58 15.07 56.42 84.70
CA GLY B 58 15.13 57.73 85.30
C GLY B 58 13.88 58.61 85.17
N TYR B 59 12.69 57.99 85.17
CA TYR B 59 11.42 58.73 85.21
C TYR B 59 11.14 58.84 86.74
N GLY B 60 10.99 59.94 87.40
CA GLY B 60 10.10 60.97 87.45
C GLY B 60 8.72 60.79 88.02
N ARG B 61 8.27 59.71 88.69
CA ARG B 61 6.81 59.49 88.88
C ARG B 61 6.22 60.25 90.06
N SER B 62 4.92 60.58 89.99
CA SER B 62 4.21 61.16 91.14
C SER B 62 2.84 60.48 91.26
N SER B 63 2.05 60.87 92.26
CA SER B 63 0.67 60.37 92.37
C SER B 63 -0.24 60.84 91.23
N ALA B 64 0.20 61.76 90.39
CA ALA B 64 -0.49 62.10 89.15
C ALA B 64 -0.36 61.08 88.03
N VAL B 65 0.45 60.01 88.27
CA VAL B 65 0.74 59.05 87.22
C VAL B 65 -0.52 58.46 86.55
N VAL B 66 -0.43 58.27 85.23
CA VAL B 66 -1.51 57.74 84.43
C VAL B 66 -1.03 56.48 83.75
N LEU B 67 -1.70 55.37 84.06
CA LEU B 67 -1.41 54.17 83.28
C LEU B 67 -2.52 53.99 82.27
N LEU B 68 -2.16 53.84 80.98
CA LEU B 68 -3.15 53.62 79.93
C LEU B 68 -2.93 52.23 79.29
N THR B 69 -3.99 51.41 79.25
N THR B 69 -3.97 51.38 79.26
CA THR B 69 -3.98 50.13 78.53
CA THR B 69 -3.92 50.13 78.48
C THR B 69 -4.91 50.29 77.33
C THR B 69 -4.91 50.25 77.34
N VAL B 70 -4.42 49.96 76.15
CA VAL B 70 -5.21 50.11 74.93
C VAL B 70 -5.47 48.77 74.32
N ILE B 71 -6.74 48.53 73.92
CA ILE B 71 -7.04 47.36 73.09
C ILE B 71 -7.37 47.88 71.70
N SER B 72 -6.68 47.35 70.71
CA SER B 72 -6.84 47.88 69.37
C SER B 72 -6.63 46.85 68.30
N ARG B 73 -7.34 47.03 67.20
CA ARG B 73 -6.93 46.35 65.95
C ARG B 73 -5.50 46.82 65.56
N PRO B 74 -4.82 46.11 64.70
CA PRO B 74 -3.41 46.42 64.39
C PRO B 74 -3.21 47.82 63.80
N ARG B 75 -2.23 48.52 64.35
CA ARG B 75 -1.86 49.85 63.86
C ARG B 75 -0.39 49.67 63.45
N SER B 76 0.07 50.53 62.53
CA SER B 76 1.49 50.55 62.20
C SER B 76 2.39 50.95 63.36
N GLU B 77 3.63 50.53 63.32
CA GLU B 77 4.63 51.01 64.28
C GLU B 77 4.68 52.55 64.32
N GLU B 78 4.54 53.18 63.15
CA GLU B 78 4.62 54.64 63.08
C GLU B 78 3.44 55.26 63.83
N GLN B 79 2.25 54.63 63.71
CA GLN B 79 1.03 55.17 64.35
C GLN B 79 1.15 55.03 65.88
N LYS B 80 1.77 53.94 66.33
CA LYS B 80 1.90 53.73 67.77
C LYS B 80 2.90 54.71 68.38
N VAL B 81 4.06 54.84 67.74
CA VAL B 81 5.09 55.84 68.11
C VAL B 81 4.51 57.27 68.19
N CYS B 82 3.72 57.62 67.19
CA CYS B 82 3.11 58.94 67.15
C CYS B 82 2.07 59.08 68.25
N PHE B 83 1.23 58.05 68.43
CA PHE B 83 0.29 58.11 69.56
C PHE B 83 0.97 58.39 70.88
N TYR B 84 2.07 57.67 71.19
CA TYR B 84 2.75 57.93 72.47
C TYR B 84 3.18 59.38 72.66
N LYS B 85 3.74 59.95 71.58
CA LYS B 85 4.28 61.34 71.61
C LYS B 85 3.12 62.32 71.71
N LEU B 86 2.05 62.06 70.96
CA LEU B 86 0.88 62.97 70.99
C LEU B 86 0.19 62.88 72.33
N LEU B 87 0.10 61.66 72.88
CA LEU B 87 -0.47 61.53 74.18
C LEU B 87 0.22 62.34 75.27
N THR B 88 1.55 62.25 75.38
CA THR B 88 2.23 62.93 76.46
C THR B 88 2.23 64.42 76.20
N GLY B 89 2.36 64.83 74.93
CA GLY B 89 2.27 66.26 74.61
C GLY B 89 0.90 66.85 75.03
N ALA B 90 -0.22 66.20 74.71
CA ALA B 90 -1.55 66.62 75.11
C ALA B 90 -1.73 66.65 76.61
N LEU B 91 -1.38 65.55 77.29
CA LEU B 91 -1.53 65.47 78.78
C LEU B 91 -0.66 66.54 79.51
N GLU B 92 0.51 66.85 78.97
CA GLU B 92 1.30 67.96 79.48
C GLU B 92 0.65 69.34 79.29
N ARG B 93 0.33 69.67 78.03
CA ARG B 93 -0.20 70.99 77.71
C ARG B 93 -1.58 71.20 78.20
N ASP B 94 -2.47 70.21 78.05
CA ASP B 94 -3.86 70.36 78.45
C ASP B 94 -4.16 70.07 79.94
N CYS B 95 -3.39 69.20 80.59
CA CYS B 95 -3.72 68.72 81.93
C CYS B 95 -2.63 68.97 82.95
N GLY B 96 -1.46 69.41 82.49
CA GLY B 96 -0.37 69.73 83.40
C GLY B 96 0.23 68.47 84.03
N ILE B 97 0.22 67.34 83.29
CA ILE B 97 0.75 66.08 83.73
C ILE B 97 2.11 65.89 83.08
N SER B 98 3.17 65.68 83.89
CA SER B 98 4.56 65.53 83.35
C SER B 98 4.56 64.31 82.41
N PRO B 99 5.29 64.36 81.29
CA PRO B 99 5.52 63.13 80.50
C PRO B 99 6.18 62.02 81.26
N ASP B 100 6.81 62.31 82.40
CA ASP B 100 7.34 61.23 83.23
C ASP B 100 6.23 60.40 83.91
N ASP B 101 5.00 60.90 83.92
CA ASP B 101 3.89 60.29 84.63
C ASP B 101 2.95 59.59 83.67
N VAL B 102 3.42 59.22 82.47
CA VAL B 102 2.51 58.55 81.53
C VAL B 102 3.10 57.21 81.06
N ILE B 103 2.30 56.13 81.16
CA ILE B 103 2.76 54.79 80.85
C ILE B 103 1.69 54.20 79.99
N VAL B 104 2.07 53.59 78.84
CA VAL B 104 1.09 52.97 77.94
C VAL B 104 1.42 51.51 77.61
N ALA B 105 0.42 50.60 77.75
CA ALA B 105 0.57 49.26 77.19
C ALA B 105 -0.55 49.03 76.18
N LEU B 106 -0.21 48.46 75.05
CA LEU B 106 -1.12 48.19 73.99
C LEU B 106 -1.22 46.68 73.70
N VAL B 107 -2.47 46.17 73.57
CA VAL B 107 -2.72 44.81 73.08
C VAL B 107 -3.58 44.81 71.80
N GLU B 108 -3.31 43.88 70.90
CA GLU B 108 -3.99 43.93 69.62
C GLU B 108 -4.97 42.78 69.45
N ASN B 109 -6.04 43.01 68.70
CA ASN B 109 -6.99 41.95 68.31
C ASN B 109 -7.34 42.29 66.87
N SER B 110 -8.42 41.72 66.31
CA SER B 110 -8.77 41.94 64.93
C SER B 110 -10.25 42.14 64.69
N ASP B 111 -10.62 42.05 63.39
CA ASP B 111 -11.97 42.43 62.94
C ASP B 111 -13.07 41.74 63.71
N ALA B 112 -12.89 40.43 64.04
CA ALA B 112 -14.02 39.69 64.60
C ALA B 112 -14.14 39.92 66.11
N ASP B 113 -13.24 40.72 66.64
CA ASP B 113 -13.12 40.83 68.10
C ASP B 113 -13.74 42.04 68.75
N TRP B 114 -14.70 42.67 68.06
CA TRP B 114 -15.39 43.87 68.53
C TRP B 114 -16.85 43.77 68.24
N SER B 115 -17.68 44.12 69.24
CA SER B 115 -19.07 44.48 69.01
C SER B 115 -19.42 45.78 69.67
N PHE B 116 -19.80 46.82 68.90
CA PHE B 116 -20.03 48.10 69.49
C PHE B 116 -21.48 48.27 69.94
N GLY B 117 -22.34 47.39 69.46
CA GLY B 117 -23.71 47.37 69.99
C GLY B 117 -24.54 46.35 69.28
N ARG B 118 -25.67 46.01 69.89
CA ARG B 118 -26.71 45.22 69.17
C ARG B 118 -26.30 43.75 68.85
N GLY B 119 -25.24 43.30 69.47
CA GLY B 119 -24.77 41.97 69.16
C GLY B 119 -24.15 41.84 67.78
N ARG B 120 -23.81 42.98 67.14
CA ARG B 120 -23.26 42.99 65.79
C ARG B 120 -21.74 43.05 65.85
N ALA B 121 -21.06 42.46 64.90
CA ALA B 121 -19.61 42.60 64.73
C ALA B 121 -19.41 43.58 63.61
N GLU B 122 -19.37 44.88 63.93
CA GLU B 122 -19.43 45.85 62.87
C GLU B 122 -18.31 45.84 61.87
N PHE B 123 -17.10 45.45 62.32
CA PHE B 123 -16.01 45.29 61.30
C PHE B 123 -16.30 44.13 60.35
N LEU B 124 -17.01 43.10 60.83
CA LEU B 124 -17.43 41.99 59.96
C LEU B 124 -18.61 42.24 59.02
N THR B 125 -19.63 42.95 59.52
CA THR B 125 -20.75 43.33 58.70
C THR B 125 -20.39 44.48 57.72
N GLY B 126 -19.31 45.24 58.01
CA GLY B 126 -18.91 46.43 57.28
C GLY B 126 -19.63 47.70 57.64
N ASP B 127 -20.43 47.71 58.70
CA ASP B 127 -20.94 48.97 59.19
C ASP B 127 -19.69 49.87 59.50
N LEU B 128 -18.60 49.34 60.08
CA LEU B 128 -17.42 50.14 60.17
C LEU B 128 -16.34 49.56 59.32
N VAL B 129 -15.35 50.37 58.99
CA VAL B 129 -14.20 49.95 58.23
C VAL B 129 -12.97 49.82 59.13
N GLY B 130 -12.04 48.88 58.95
CA GLY B 130 -12.01 47.90 57.85
C GLY B 130 -10.89 48.20 56.84
N PRO C 1 6.70 43.15 81.91
CA PRO C 1 5.21 43.03 81.80
C PRO C 1 4.41 44.01 82.69
N LEU C 2 3.12 43.93 82.58
CA LEU C 2 2.16 44.69 83.47
C LEU C 2 1.31 43.61 84.14
N LEU C 3 1.23 43.67 85.48
CA LEU C 3 0.51 42.67 86.31
C LEU C 3 -0.71 43.33 86.93
N LYS C 4 -1.91 42.85 86.57
CA LYS C 4 -3.14 43.49 87.07
C LYS C 4 -3.85 42.49 87.97
N PHE C 5 -4.05 42.79 89.25
CA PHE C 5 -4.70 41.85 90.18
C PHE C 5 -6.14 42.29 90.46
N ASP C 6 -7.05 41.33 90.43
CA ASP C 6 -8.41 41.52 90.94
C ASP C 6 -8.54 40.65 92.17
N LEU C 7 -8.86 41.30 93.29
CA LEU C 7 -9.00 40.60 94.57
C LEU C 7 -10.27 41.14 95.30
N PHE C 8 -10.70 40.46 96.38
CA PHE C 8 -11.77 41.03 97.20
C PHE C 8 -11.10 41.93 98.23
N TYR C 9 -11.85 42.96 98.68
CA TYR C 9 -11.48 43.80 99.82
C TYR C 9 -11.31 42.91 101.07
N GLY C 10 -10.50 43.41 102.00
CA GLY C 10 -10.31 42.79 103.29
C GLY C 10 -8.86 42.75 103.74
N ARG C 11 -7.92 42.76 102.79
CA ARG C 11 -6.50 42.76 103.19
C ARG C 11 -6.03 44.07 103.75
N THR C 12 -5.04 44.03 104.66
CA THR C 12 -4.53 45.29 105.13
C THR C 12 -3.57 45.80 104.04
N ASP C 13 -3.14 47.05 104.15
CA ASP C 13 -2.17 47.57 103.18
C ASP C 13 -0.93 46.71 103.11
N ALA C 14 -0.43 46.23 104.27
CA ALA C 14 0.82 45.46 104.23
C ALA C 14 0.55 44.09 103.58
N GLN C 15 -0.64 43.55 103.76
CA GLN C 15 -0.99 42.29 103.07
C GLN C 15 -1.07 42.46 101.55
N ILE C 16 -1.61 43.58 101.12
CA ILE C 16 -1.58 43.87 99.69
C ILE C 16 -0.13 43.99 99.19
N LYS C 17 0.70 44.67 99.93
N LYS C 17 0.70 44.67 99.95
CA LYS C 17 2.04 44.91 99.44
CA LYS C 17 2.05 44.92 99.46
C LYS C 17 2.80 43.60 99.42
C LYS C 17 2.80 43.61 99.42
N SER C 18 2.57 42.74 100.42
CA SER C 18 3.12 41.38 100.37
C SER C 18 2.76 40.57 99.13
N LEU C 19 1.48 40.54 98.68
CA LEU C 19 0.97 39.84 97.48
C LEU C 19 1.72 40.38 96.25
N LEU C 20 1.86 41.74 96.24
CA LEU C 20 2.53 42.44 95.13
C LEU C 20 4.00 42.11 95.10
N ASP C 21 4.65 42.12 96.26
CA ASP C 21 6.11 41.79 96.30
C ASP C 21 6.30 40.34 95.93
N ALA C 22 5.45 39.46 96.46
CA ALA C 22 5.63 38.02 96.22
C ALA C 22 5.43 37.76 94.72
N ALA C 23 4.44 38.41 94.12
CA ALA C 23 4.19 38.18 92.69
C ALA C 23 5.29 38.76 91.82
N HIS C 24 5.77 39.93 92.20
CA HIS C 24 6.84 40.61 91.45
C HIS C 24 8.08 39.75 91.49
N GLY C 25 8.45 39.27 92.68
CA GLY C 25 9.58 38.32 92.77
C GLY C 25 9.48 37.13 91.87
N ALA C 26 8.30 36.51 91.87
CA ALA C 26 8.07 35.34 91.02
C ALA C 26 8.26 35.70 89.56
N MET C 27 7.72 36.85 89.16
CA MET C 27 7.81 37.28 87.77
C MET C 27 9.27 37.48 87.39
N VAL C 28 10.02 38.25 88.18
CA VAL C 28 11.48 38.45 87.93
C VAL C 28 12.23 37.11 87.85
N ASP C 29 11.95 36.23 88.83
N ASP C 29 11.95 36.22 88.82
CA ASP C 29 12.55 34.90 88.82
CA ASP C 29 12.54 34.88 88.80
C ASP C 29 12.26 34.10 87.52
C ASP C 29 12.26 34.10 87.52
N ALA C 30 11.02 34.14 87.04
CA ALA C 30 10.60 33.37 85.84
C ALA C 30 11.03 34.01 84.58
N PHE C 31 11.00 35.33 84.51
CA PHE C 31 11.22 36.04 83.22
C PHE C 31 12.59 36.68 83.07
N GLY C 32 13.27 36.97 84.18
CA GLY C 32 14.66 37.43 84.08
C GLY C 32 14.80 38.88 83.68
N VAL C 33 13.83 39.69 84.06
CA VAL C 33 13.80 41.11 83.80
C VAL C 33 14.42 41.90 84.96
N PRO C 34 14.73 43.17 84.69
CA PRO C 34 15.32 44.02 85.74
C PRO C 34 14.39 44.12 86.95
N ALA C 35 14.98 44.18 88.16
CA ALA C 35 14.15 44.22 89.35
C ALA C 35 13.21 45.44 89.38
N ASN C 36 13.65 46.56 88.77
CA ASN C 36 12.77 47.72 88.73
C ASN C 36 11.86 47.79 87.49
N ASP C 37 11.61 46.64 86.87
CA ASP C 37 10.70 46.52 85.71
C ASP C 37 9.40 46.09 86.42
N ARG C 38 8.88 47.02 87.24
CA ARG C 38 7.76 46.71 88.14
C ARG C 38 6.57 47.56 87.73
N TYR C 39 5.53 46.95 87.18
CA TYR C 39 4.30 47.66 86.83
C TYR C 39 3.11 46.81 87.31
N GLN C 40 2.37 47.29 88.30
CA GLN C 40 1.35 46.47 88.92
C GLN C 40 0.15 47.36 89.31
N THR C 41 -1.03 46.81 89.08
CA THR C 41 -2.23 47.46 89.64
C THR C 41 -3.09 46.45 90.37
N VAL C 42 -3.92 46.97 91.30
CA VAL C 42 -4.80 46.17 92.12
C VAL C 42 -6.20 46.77 92.10
N SER C 43 -7.17 45.97 91.75
CA SER C 43 -8.56 46.41 91.81
C SER C 43 -9.24 45.55 92.88
N GLN C 44 -9.75 46.17 93.95
CA GLN C 44 -10.37 45.45 95.05
C GLN C 44 -11.89 45.46 94.85
N HIS C 45 -12.52 44.36 95.20
CA HIS C 45 -13.90 44.09 94.80
C HIS C 45 -14.75 43.80 96.00
N ARG C 46 -16.01 44.26 95.96
CA ARG C 46 -17.00 43.80 96.95
C ARG C 46 -17.51 42.43 96.63
N PRO C 47 -18.20 41.78 97.58
CA PRO C 47 -18.67 40.41 97.39
C PRO C 47 -19.59 40.50 96.22
N GLY C 48 -19.69 39.55 95.34
CA GLY C 48 -20.61 39.82 94.24
C GLY C 48 -19.94 40.25 92.96
N GLU C 49 -18.79 40.87 93.10
CA GLU C 49 -18.07 41.45 91.96
C GLU C 49 -17.11 40.51 91.28
N MET C 50 -16.86 39.35 91.86
CA MET C 50 -16.17 38.32 91.06
C MET C 50 -16.92 37.05 91.26
N VAL C 51 -16.98 36.28 90.18
CA VAL C 51 -17.40 34.85 90.30
C VAL C 51 -16.32 34.04 89.61
N LEU C 52 -15.69 33.19 90.38
CA LEU C 52 -14.55 32.42 89.96
C LEU C 52 -14.70 30.97 90.39
N GLU C 53 -14.99 30.11 89.43
CA GLU C 53 -15.30 28.73 89.71
C GLU C 53 -14.06 27.90 89.39
N ASP C 54 -14.20 26.61 89.05
CA ASP C 54 -12.96 25.82 88.90
C ASP C 54 -12.98 24.86 87.69
N THR C 55 -13.91 25.03 86.77
CA THR C 55 -13.97 24.15 85.57
C THR C 55 -13.94 22.67 85.98
N GLY C 56 -14.39 22.41 87.22
CA GLY C 56 -14.59 21.06 87.75
C GLY C 56 -13.33 20.40 88.22
N LEU C 57 -12.28 21.22 88.35
CA LEU C 57 -10.96 20.75 88.71
C LEU C 57 -10.83 20.42 90.17
N GLY C 58 -11.78 20.88 90.99
CA GLY C 58 -11.68 20.68 92.41
C GLY C 58 -10.96 21.64 93.27
N TYR C 59 -10.70 22.86 92.80
CA TYR C 59 -10.03 23.93 93.57
C TYR C 59 -11.21 24.53 94.34
N GLY C 60 -11.41 24.49 95.64
CA GLY C 60 -10.86 25.15 96.74
C GLY C 60 -11.07 26.64 96.90
N ARG C 61 -12.06 27.38 96.33
CA ARG C 61 -11.83 28.85 96.34
C ARG C 61 -12.37 29.57 97.56
N SER C 62 -11.77 30.69 97.94
CA SER C 62 -12.24 31.40 99.14
C SER C 62 -12.28 32.91 98.83
N SER C 63 -12.60 33.74 99.83
CA SER C 63 -12.56 35.20 99.70
C SER C 63 -11.14 35.74 99.43
N ALA C 64 -10.14 34.89 99.71
CA ALA C 64 -8.74 35.27 99.47
C ALA C 64 -8.33 35.16 98.01
N VAL C 65 -9.24 34.65 97.20
CA VAL C 65 -8.92 34.46 95.77
C VAL C 65 -8.23 35.64 95.08
N VAL C 66 -7.18 35.32 94.24
CA VAL C 66 -6.46 36.33 93.48
C VAL C 66 -6.61 35.94 92.02
N LEU C 67 -7.14 36.88 91.24
CA LEU C 67 -7.11 36.71 89.77
C LEU C 67 -5.99 37.63 89.26
N LEU C 68 -4.98 37.05 88.54
CA LEU C 68 -3.96 37.90 87.93
C LEU C 68 -4.06 37.87 86.41
N THR C 69 -4.05 39.07 85.81
N THR C 69 -4.06 39.07 85.80
CA THR C 69 -4.00 39.23 84.35
CA THR C 69 -4.00 39.26 84.34
C THR C 69 -2.71 39.94 84.01
C THR C 69 -2.70 39.94 84.01
N VAL C 70 -1.97 39.30 83.10
CA VAL C 70 -0.61 39.73 82.69
C VAL C 70 -0.63 40.18 81.24
N ILE C 71 -0.02 41.36 81.00
CA ILE C 71 0.26 41.81 79.63
C ILE C 71 1.77 41.73 79.52
N SER C 72 2.26 41.04 78.50
CA SER C 72 3.66 40.77 78.33
C SER C 72 4.05 40.53 76.86
N ARG C 73 5.24 41.05 76.48
CA ARG C 73 5.93 40.49 75.31
C ARG C 73 6.04 38.94 75.48
N PRO C 74 6.21 38.22 74.40
CA PRO C 74 6.21 36.74 74.39
C PRO C 74 7.30 36.21 75.27
N ARG C 75 6.88 35.35 76.15
CA ARG C 75 7.78 34.48 76.87
C ARG C 75 7.63 33.07 76.41
N SER C 76 8.61 32.21 76.70
CA SER C 76 8.48 30.79 76.32
C SER C 76 7.48 30.05 77.18
N GLU C 77 6.99 28.93 76.65
CA GLU C 77 6.05 28.05 77.42
C GLU C 77 6.72 27.64 78.74
N GLU C 78 8.00 27.27 78.68
CA GLU C 78 8.77 26.96 79.90
C GLU C 78 8.71 28.08 80.92
N GLN C 79 8.99 29.32 80.47
CA GLN C 79 9.01 30.49 81.39
C GLN C 79 7.64 30.65 81.99
N LYS C 80 6.58 30.51 81.16
CA LYS C 80 5.21 30.64 81.70
C LYS C 80 4.90 29.56 82.77
N VAL C 81 5.21 28.30 82.45
CA VAL C 81 4.95 27.21 83.36
C VAL C 81 5.68 27.46 84.67
N CYS C 82 6.95 27.97 84.57
CA CYS C 82 7.70 28.24 85.81
C CYS C 82 7.06 29.39 86.57
N PHE C 83 6.71 30.46 85.86
CA PHE C 83 6.00 31.56 86.53
C PHE C 83 4.84 31.10 87.37
N TYR C 84 3.97 30.25 86.81
CA TYR C 84 2.76 29.90 87.55
C TYR C 84 3.16 29.24 88.86
N LYS C 85 4.17 28.32 88.82
CA LYS C 85 4.56 27.57 90.01
C LYS C 85 5.29 28.54 90.98
N LEU C 86 6.12 29.41 90.47
CA LEU C 86 6.78 30.35 91.32
C LEU C 86 5.80 31.27 92.01
N LEU C 87 4.80 31.70 91.24
CA LEU C 87 3.81 32.61 91.77
C LEU C 87 3.04 32.02 92.94
N THR C 88 2.48 30.81 92.75
CA THR C 88 1.69 30.21 93.86
C THR C 88 2.58 29.80 95.05
N GLY C 89 3.81 29.38 94.77
CA GLY C 89 4.78 29.14 95.84
C GLY C 89 5.00 30.35 96.70
N ALA C 90 5.29 31.49 96.07
CA ALA C 90 5.55 32.71 96.81
C ALA C 90 4.28 33.21 97.53
N LEU C 91 3.12 33.10 96.90
CA LEU C 91 1.93 33.60 97.58
C LEU C 91 1.57 32.74 98.74
N GLU C 92 1.81 31.42 98.59
CA GLU C 92 1.55 30.56 99.77
C GLU C 92 2.49 30.90 100.96
N ARG C 93 3.79 30.93 100.66
CA ARG C 93 4.80 31.18 101.70
C ARG C 93 4.72 32.55 102.31
N ASP C 94 4.56 33.59 101.49
CA ASP C 94 4.72 34.97 101.95
C ASP C 94 3.39 35.49 102.43
N CYS C 95 2.28 34.96 101.94
CA CYS C 95 0.99 35.64 102.11
C CYS C 95 -0.01 34.72 102.70
N GLY C 96 0.29 33.43 102.80
CA GLY C 96 -0.69 32.50 103.34
C GLY C 96 -1.85 32.21 102.42
N ILE C 97 -1.64 32.43 101.12
CA ILE C 97 -2.67 32.15 100.13
C ILE C 97 -2.52 30.77 99.57
N SER C 98 -3.58 29.95 99.71
CA SER C 98 -3.59 28.65 99.09
C SER C 98 -3.43 28.76 97.60
N PRO C 99 -2.62 27.87 96.99
CA PRO C 99 -2.55 27.78 95.51
C PRO C 99 -3.90 27.51 94.84
N ASP C 100 -4.83 26.96 95.60
CA ASP C 100 -6.18 26.81 95.14
C ASP C 100 -6.82 28.17 94.83
N ASP C 101 -6.32 29.23 95.47
CA ASP C 101 -6.93 30.56 95.35
C ASP C 101 -6.18 31.48 94.36
N VAL C 102 -5.46 30.89 93.43
CA VAL C 102 -4.72 31.68 92.46
C VAL C 102 -5.08 31.33 90.99
N ILE C 103 -5.49 32.34 90.21
CA ILE C 103 -5.87 32.17 88.80
C ILE C 103 -5.10 33.18 87.97
N VAL C 104 -4.50 32.72 86.86
CA VAL C 104 -3.71 33.60 85.98
C VAL C 104 -4.13 33.49 84.58
N ALA C 105 -4.28 34.65 83.93
CA ALA C 105 -4.44 34.71 82.47
C ALA C 105 -3.42 35.69 81.88
N LEU C 106 -2.73 35.26 80.80
CA LEU C 106 -1.77 36.10 80.16
C LEU C 106 -2.14 36.44 78.71
N VAL C 107 -1.85 37.68 78.33
N VAL C 107 -1.85 37.69 78.33
CA VAL C 107 -2.00 38.13 76.94
CA VAL C 107 -1.99 38.14 76.95
C VAL C 107 -0.69 38.79 76.48
C VAL C 107 -0.68 38.77 76.49
N GLU C 108 -0.39 38.65 75.19
CA GLU C 108 0.93 39.01 74.70
C GLU C 108 0.87 40.22 73.75
N ASN C 109 2.01 40.93 73.64
CA ASN C 109 2.09 42.00 72.70
C ASN C 109 3.51 42.06 72.18
N SER C 110 3.95 43.21 71.70
N SER C 110 3.96 43.22 71.73
CA SER C 110 5.20 43.28 70.96
CA SER C 110 5.23 43.28 71.00
C SER C 110 5.98 44.55 71.38
C SER C 110 6.02 44.53 71.41
N ASP C 111 7.17 44.70 70.80
CA ASP C 111 8.10 45.78 71.11
C ASP C 111 7.45 47.15 70.92
N ALA C 112 6.57 47.27 69.94
CA ALA C 112 6.00 48.56 69.64
C ALA C 112 4.88 48.98 70.57
N ASP C 113 4.52 48.10 71.51
CA ASP C 113 3.24 48.22 72.23
C ASP C 113 3.44 48.70 73.66
N TRP C 114 4.63 49.22 73.94
CA TRP C 114 4.92 49.76 75.23
C TRP C 114 5.51 51.17 75.15
N SER C 115 5.08 51.99 76.11
CA SER C 115 5.77 53.27 76.36
C SER C 115 5.89 53.49 77.86
N PHE C 116 7.09 53.37 78.43
CA PHE C 116 7.19 53.49 79.88
C PHE C 116 7.27 54.91 80.38
N GLY C 117 7.49 55.87 79.49
CA GLY C 117 7.68 57.24 79.95
C GLY C 117 7.90 58.15 78.81
N ARG C 118 7.60 59.43 79.03
CA ARG C 118 7.98 60.49 78.10
C ARG C 118 7.55 60.37 76.65
N GLY C 119 6.56 59.53 76.39
CA GLY C 119 6.06 59.28 75.02
C GLY C 119 7.03 58.47 74.15
N ARG C 120 8.01 57.81 74.77
CA ARG C 120 9.01 57.05 73.97
C ARG C 120 8.67 55.58 73.92
N ALA C 121 8.99 54.87 72.85
CA ALA C 121 8.74 53.43 72.75
C ALA C 121 10.13 52.81 73.02
N GLU C 122 10.42 52.59 74.29
CA GLU C 122 11.79 52.25 74.62
C GLU C 122 12.27 50.91 74.08
N PHE C 123 11.36 49.96 73.81
CA PHE C 123 11.88 48.72 73.14
C PHE C 123 12.27 49.01 71.69
N LEU C 124 11.58 49.95 71.06
CA LEU C 124 11.88 50.33 69.67
C LEU C 124 13.16 51.15 69.55
N THR C 125 13.34 52.09 70.46
CA THR C 125 14.54 52.96 70.50
C THR C 125 15.80 52.21 70.99
N GLY C 126 15.61 51.10 71.67
CA GLY C 126 16.69 50.30 72.20
C GLY C 126 17.15 50.72 73.57
N ASP C 127 16.41 51.60 74.21
CA ASP C 127 16.72 52.01 75.55
C ASP C 127 16.51 50.87 76.54
N LEU C 128 15.60 49.95 76.22
CA LEU C 128 15.44 48.63 76.87
C LEU C 128 15.42 47.53 75.74
N VAL C 129 16.23 46.49 75.67
CA VAL C 129 16.13 45.30 76.30
C VAL C 129 17.02 44.46 75.84
N PRO D 1 0.54 -57.25 -82.29
CA PRO D 1 1.11 -55.95 -82.52
C PRO D 1 1.46 -55.20 -81.17
N LEU D 2 2.06 -54.10 -81.29
CA LEU D 2 2.28 -53.14 -80.16
C LEU D 2 1.57 -51.83 -80.42
N LEU D 3 0.74 -51.37 -79.43
CA LEU D 3 -0.13 -50.18 -79.61
C LEU D 3 0.42 -49.13 -78.68
N LYS D 4 0.86 -48.01 -79.24
N LYS D 4 0.87 -48.00 -79.24
CA LYS D 4 1.39 -46.93 -78.42
CA LYS D 4 1.40 -46.92 -78.41
C LYS D 4 0.51 -45.71 -78.50
C LYS D 4 0.51 -45.70 -78.51
N PHE D 5 -0.01 -45.24 -77.37
CA PHE D 5 -0.96 -44.12 -77.37
C PHE D 5 -0.26 -42.88 -76.90
N ASP D 6 -0.56 -41.77 -77.58
CA ASP D 6 -0.15 -40.45 -77.08
C ASP D 6 -1.45 -39.69 -76.78
N LEU D 7 -1.62 -39.28 -75.54
CA LEU D 7 -2.88 -38.60 -75.16
C LEU D 7 -2.51 -37.37 -74.33
N PHE D 8 -3.45 -36.46 -74.14
CA PHE D 8 -3.24 -35.41 -73.12
C PHE D 8 -3.60 -35.89 -71.72
N TYR D 9 -2.88 -35.41 -70.70
CA TYR D 9 -3.27 -35.69 -69.28
C TYR D 9 -4.68 -35.24 -69.00
N GLY D 10 -5.26 -35.83 -67.95
CA GLY D 10 -6.59 -35.50 -67.50
C GLY D 10 -7.53 -36.68 -67.23
N ARG D 11 -7.26 -37.88 -67.78
CA ARG D 11 -8.15 -38.99 -67.51
C ARG D 11 -7.75 -39.63 -66.21
N THR D 12 -8.74 -40.17 -65.49
CA THR D 12 -8.47 -41.10 -64.37
C THR D 12 -7.80 -42.40 -64.85
N ASP D 13 -7.18 -43.09 -63.87
CA ASP D 13 -6.61 -44.41 -64.19
C ASP D 13 -7.64 -45.34 -64.81
N ALA D 14 -8.89 -45.34 -64.34
CA ALA D 14 -9.89 -46.21 -64.93
C ALA D 14 -10.22 -45.77 -66.35
N GLN D 15 -10.26 -44.45 -66.60
CA GLN D 15 -10.61 -43.94 -67.97
C GLN D 15 -9.48 -44.36 -68.95
N ILE D 16 -8.23 -44.30 -68.47
CA ILE D 16 -7.11 -44.81 -69.25
C ILE D 16 -7.29 -46.30 -69.51
N LYS D 17 -7.48 -47.07 -68.49
CA LYS D 17 -7.72 -48.48 -68.74
C LYS D 17 -8.92 -48.77 -69.64
N SER D 18 -9.96 -47.96 -69.62
CA SER D 18 -11.14 -48.19 -70.44
C SER D 18 -10.76 -48.01 -71.93
N LEU D 19 -9.93 -47.00 -72.18
N LEU D 19 -9.94 -47.00 -72.17
CA LEU D 19 -9.45 -46.65 -73.52
CA LEU D 19 -9.45 -46.65 -73.51
C LEU D 19 -8.57 -47.82 -74.05
C LEU D 19 -8.61 -47.84 -74.04
N LEU D 20 -7.69 -48.34 -73.19
CA LEU D 20 -6.80 -49.45 -73.55
C LEU D 20 -7.65 -50.68 -73.82
N ASP D 21 -8.66 -50.95 -72.97
CA ASP D 21 -9.54 -52.14 -73.18
C ASP D 21 -10.32 -52.04 -74.48
N ALA D 22 -10.85 -50.84 -74.73
CA ALA D 22 -11.63 -50.65 -75.94
C ALA D 22 -10.75 -50.86 -77.16
N ALA D 23 -9.55 -50.28 -77.14
CA ALA D 23 -8.62 -50.41 -78.24
C ALA D 23 -8.11 -51.83 -78.44
N HIS D 24 -7.84 -52.53 -77.36
CA HIS D 24 -7.36 -53.90 -77.47
C HIS D 24 -8.43 -54.81 -78.08
N GLY D 25 -9.68 -54.63 -77.60
CA GLY D 25 -10.83 -55.32 -78.16
C GLY D 25 -10.97 -55.11 -79.67
N ALA D 26 -10.84 -53.87 -80.08
CA ALA D 26 -10.98 -53.56 -81.50
C ALA D 26 -9.88 -54.24 -82.29
N MET D 27 -8.65 -54.22 -81.75
CA MET D 27 -7.53 -54.89 -82.41
C MET D 27 -7.74 -56.40 -82.59
N VAL D 28 -8.09 -57.10 -81.50
CA VAL D 28 -8.32 -58.53 -81.51
C VAL D 28 -9.44 -58.85 -82.52
N ASP D 29 -10.47 -57.99 -82.53
CA ASP D 29 -11.61 -58.18 -83.44
C ASP D 29 -11.17 -58.09 -84.92
N ALA D 30 -10.31 -57.11 -85.20
CA ALA D 30 -9.87 -56.83 -86.56
C ALA D 30 -8.80 -57.81 -87.04
N PHE D 31 -7.89 -58.17 -86.13
CA PHE D 31 -6.69 -58.89 -86.49
C PHE D 31 -6.78 -60.41 -86.15
N GLY D 32 -7.70 -60.79 -85.25
CA GLY D 32 -7.86 -62.20 -84.88
C GLY D 32 -6.65 -62.84 -84.18
N VAL D 33 -6.05 -62.08 -83.27
CA VAL D 33 -4.89 -62.54 -82.53
C VAL D 33 -5.37 -62.97 -81.15
N PRO D 34 -4.56 -63.71 -80.44
CA PRO D 34 -4.99 -64.19 -79.10
C PRO D 34 -5.34 -63.08 -78.16
N ALA D 35 -6.34 -63.25 -77.29
CA ALA D 35 -6.76 -62.16 -76.42
C ALA D 35 -5.65 -61.65 -75.52
N ASN D 36 -4.67 -62.51 -75.26
CA ASN D 36 -3.58 -62.08 -74.40
C ASN D 36 -2.35 -61.62 -75.21
N ASP D 37 -2.48 -61.44 -76.52
CA ASP D 37 -1.53 -60.77 -77.37
C ASP D 37 -1.70 -59.27 -77.15
N ARG D 38 -1.35 -58.82 -75.93
CA ARG D 38 -1.69 -57.51 -75.52
C ARG D 38 -0.43 -56.72 -75.11
N TYR D 39 -0.06 -55.74 -75.97
CA TYR D 39 1.14 -54.97 -75.75
C TYR D 39 0.78 -53.51 -75.98
N GLN D 40 0.68 -52.71 -74.90
CA GLN D 40 0.22 -51.34 -75.02
C GLN D 40 1.04 -50.41 -74.13
N THR D 41 1.32 -49.20 -74.62
CA THR D 41 1.85 -48.15 -73.76
C THR D 41 1.09 -46.85 -73.94
N VAL D 42 1.12 -46.04 -72.90
CA VAL D 42 0.40 -44.74 -72.94
C VAL D 42 1.39 -43.64 -72.52
N SER D 43 1.54 -42.65 -73.35
CA SER D 43 2.36 -41.46 -72.93
C SER D 43 1.45 -40.31 -72.80
N GLN D 44 1.47 -39.69 -71.64
CA GLN D 44 0.51 -38.58 -71.39
C GLN D 44 1.24 -37.27 -71.52
N HIS D 45 0.55 -36.30 -72.13
CA HIS D 45 1.16 -35.03 -72.54
C HIS D 45 0.53 -33.78 -71.87
N ARG D 46 1.38 -32.83 -71.54
CA ARG D 46 0.92 -31.48 -71.19
C ARG D 46 0.30 -30.76 -72.40
N PRO D 47 -0.56 -29.73 -72.21
CA PRO D 47 -1.17 -29.08 -73.38
C PRO D 47 -0.20 -28.61 -74.43
N GLY D 48 0.97 -28.14 -74.41
CA GLY D 48 1.58 -27.79 -75.69
C GLY D 48 2.36 -28.92 -76.36
N GLU D 49 2.36 -30.11 -75.78
CA GLU D 49 3.12 -31.25 -76.32
C GLU D 49 2.52 -32.09 -77.44
N MET D 50 1.32 -31.76 -77.92
CA MET D 50 0.88 -32.34 -79.17
C MET D 50 0.20 -31.25 -79.96
N VAL D 51 0.48 -31.22 -81.25
CA VAL D 51 -0.34 -30.41 -82.19
C VAL D 51 -0.93 -31.41 -83.21
N LEU D 52 -2.25 -31.51 -83.27
CA LEU D 52 -2.91 -32.48 -84.13
C LEU D 52 -4.03 -31.83 -84.91
N GLU D 53 -3.76 -31.46 -86.15
CA GLU D 53 -4.78 -30.75 -86.97
C GLU D 53 -5.58 -31.81 -87.73
N ASP D 54 -6.12 -31.49 -88.91
CA ASP D 54 -6.98 -32.43 -89.60
C ASP D 54 -6.80 -32.48 -91.12
N THR D 55 -5.70 -31.90 -91.63
CA THR D 55 -5.42 -31.89 -93.09
C THR D 55 -6.64 -31.37 -93.88
N GLY D 56 -7.42 -30.47 -93.25
CA GLY D 56 -8.63 -29.88 -93.85
C GLY D 56 -9.83 -30.77 -94.04
N LEU D 57 -9.80 -31.95 -93.42
CA LEU D 57 -10.86 -32.93 -93.57
C LEU D 57 -12.13 -32.57 -92.79
N GLY D 58 -12.03 -31.66 -91.85
CA GLY D 58 -13.23 -31.26 -91.11
C GLY D 58 -13.42 -32.04 -89.81
N TYR D 59 -12.31 -32.41 -89.18
CA TYR D 59 -12.38 -33.12 -87.90
C TYR D 59 -12.22 -32.12 -86.77
N GLY D 60 -13.23 -32.04 -85.91
CA GLY D 60 -13.20 -31.26 -84.70
C GLY D 60 -12.49 -31.91 -83.54
N ARG D 61 -11.23 -31.55 -83.36
CA ARG D 61 -10.47 -32.21 -82.34
C ARG D 61 -10.74 -31.49 -81.02
N SER D 62 -10.58 -32.26 -79.95
CA SER D 62 -10.64 -31.71 -78.57
C SER D 62 -9.47 -32.24 -77.77
N SER D 63 -9.42 -31.87 -76.49
CA SER D 63 -8.36 -32.33 -75.64
CA SER D 63 -8.35 -32.32 -75.63
C SER D 63 -8.50 -33.79 -75.30
C SER D 63 -8.51 -33.79 -75.29
N ALA D 64 -9.62 -34.41 -75.70
CA ALA D 64 -9.70 -35.85 -75.59
C ALA D 64 -8.98 -36.62 -76.70
N VAL D 65 -8.39 -35.90 -77.61
CA VAL D 65 -7.78 -36.54 -78.77
C VAL D 65 -6.80 -37.72 -78.42
N VAL D 66 -6.90 -38.78 -79.21
CA VAL D 66 -6.08 -39.97 -78.99
C VAL D 66 -5.27 -40.22 -80.27
N LEU D 67 -3.94 -40.22 -80.15
CA LEU D 67 -3.05 -40.62 -81.24
C LEU D 67 -2.54 -42.02 -80.96
N LEU D 68 -2.75 -42.94 -81.90
CA LEU D 68 -2.31 -44.31 -81.75
C LEU D 68 -1.30 -44.66 -82.79
N THR D 69 -0.16 -45.16 -82.36
N THR D 69 -0.15 -45.14 -82.37
CA THR D 69 0.86 -45.67 -83.28
CA THR D 69 0.84 -45.66 -83.33
C THR D 69 0.96 -47.15 -83.11
C THR D 69 1.00 -47.13 -83.10
N VAL D 70 0.89 -47.88 -84.22
CA VAL D 70 0.85 -49.35 -84.14
C VAL D 70 2.06 -49.93 -84.84
N ILE D 71 2.78 -50.87 -84.19
CA ILE D 71 3.77 -51.66 -84.90
C ILE D 71 3.19 -53.07 -85.05
N SER D 72 3.20 -53.60 -86.28
CA SER D 72 2.54 -54.82 -86.61
C SER D 72 3.20 -55.56 -87.71
N ARG D 73 3.14 -56.90 -87.64
CA ARG D 73 3.54 -57.73 -88.79
C ARG D 73 2.43 -57.43 -89.85
N PRO D 74 2.68 -57.71 -91.12
CA PRO D 74 1.74 -57.29 -92.16
C PRO D 74 0.30 -57.82 -92.05
N ARG D 75 -0.64 -56.92 -92.15
CA ARG D 75 -2.06 -57.28 -92.13
C ARG D 75 -2.65 -56.85 -93.45
N SER D 76 -3.78 -57.46 -93.84
CA SER D 76 -4.37 -57.15 -95.10
C SER D 76 -4.96 -55.73 -95.04
N GLU D 77 -5.18 -55.14 -96.20
CA GLU D 77 -5.89 -53.83 -96.23
C GLU D 77 -7.27 -53.91 -95.59
N GLU D 78 -7.99 -55.01 -95.85
CA GLU D 78 -9.26 -55.27 -95.20
C GLU D 78 -9.19 -55.18 -93.69
N GLN D 79 -8.26 -55.91 -93.11
CA GLN D 79 -8.05 -55.91 -91.67
C GLN D 79 -7.67 -54.53 -91.09
N LYS D 80 -6.85 -53.77 -91.82
CA LYS D 80 -6.52 -52.40 -91.32
C LYS D 80 -7.77 -51.49 -91.31
N VAL D 81 -8.54 -51.57 -92.41
CA VAL D 81 -9.70 -50.64 -92.62
C VAL D 81 -10.70 -51.02 -91.55
N CYS D 82 -10.89 -52.33 -91.38
N CYS D 82 -10.90 -52.32 -91.37
CA CYS D 82 -11.74 -52.82 -90.31
CA CYS D 82 -11.72 -52.82 -90.29
C CYS D 82 -11.31 -52.29 -88.93
C CYS D 82 -11.31 -52.27 -88.93
N PHE D 83 -10.03 -52.40 -88.61
CA PHE D 83 -9.50 -51.98 -87.33
C PHE D 83 -9.85 -50.52 -87.07
N TYR D 84 -9.68 -49.67 -88.09
CA TYR D 84 -9.84 -48.21 -87.81
C TYR D 84 -11.31 -47.91 -87.43
N LYS D 85 -12.24 -48.55 -88.14
CA LYS D 85 -13.67 -48.46 -87.88
C LYS D 85 -14.04 -49.05 -86.52
N LEU D 86 -13.56 -50.27 -86.24
CA LEU D 86 -13.84 -50.88 -84.94
C LEU D 86 -13.30 -50.08 -83.72
N LEU D 87 -12.13 -49.50 -83.93
CA LEU D 87 -11.45 -48.73 -82.89
C LEU D 87 -12.27 -47.47 -82.56
N THR D 88 -12.67 -46.72 -83.57
CA THR D 88 -13.46 -45.48 -83.26
C THR D 88 -14.83 -45.88 -82.69
N GLY D 89 -15.37 -47.00 -83.17
CA GLY D 89 -16.66 -47.38 -82.57
C GLY D 89 -16.56 -47.70 -81.10
N ALA D 90 -15.56 -48.51 -80.76
CA ALA D 90 -15.30 -48.87 -79.39
C ALA D 90 -15.00 -47.66 -78.52
N LEU D 91 -14.17 -46.76 -79.03
CA LEU D 91 -13.77 -45.62 -78.17
C LEU D 91 -14.96 -44.71 -77.93
N GLU D 92 -15.81 -44.58 -78.93
CA GLU D 92 -17.00 -43.77 -78.75
C GLU D 92 -17.95 -44.43 -77.72
N ARG D 93 -18.34 -45.69 -77.92
CA ARG D 93 -19.23 -46.34 -77.00
C ARG D 93 -18.70 -46.50 -75.60
N ASP D 94 -17.47 -46.99 -75.48
CA ASP D 94 -16.91 -47.34 -74.17
C ASP D 94 -16.36 -46.13 -73.44
N CYS D 95 -15.92 -45.10 -74.14
CA CYS D 95 -15.16 -44.01 -73.50
C CYS D 95 -15.76 -42.63 -73.79
N GLY D 96 -16.74 -42.56 -74.69
CA GLY D 96 -17.33 -41.28 -75.02
C GLY D 96 -16.38 -40.39 -75.75
N ILE D 97 -15.45 -41.00 -76.51
CA ILE D 97 -14.51 -40.27 -77.35
C ILE D 97 -15.07 -40.17 -78.74
N SER D 98 -15.13 -38.93 -79.28
CA SER D 98 -15.71 -38.71 -80.60
C SER D 98 -14.77 -39.37 -81.63
N PRO D 99 -15.33 -39.98 -82.67
CA PRO D 99 -14.49 -40.49 -83.77
C PRO D 99 -13.66 -39.36 -84.47
N ASP D 100 -14.03 -38.11 -84.25
CA ASP D 100 -13.21 -36.99 -84.73
C ASP D 100 -11.90 -36.84 -83.93
N ASP D 101 -11.83 -37.47 -82.75
CA ASP D 101 -10.68 -37.40 -81.89
C ASP D 101 -9.69 -38.58 -81.99
N VAL D 102 -9.80 -39.38 -83.05
CA VAL D 102 -8.98 -40.59 -83.10
C VAL D 102 -8.12 -40.56 -84.32
N ILE D 103 -6.82 -40.68 -84.10
CA ILE D 103 -5.88 -40.64 -85.21
C ILE D 103 -4.96 -41.88 -85.10
N VAL D 104 -4.81 -42.61 -86.19
CA VAL D 104 -3.98 -43.83 -86.18
C VAL D 104 -2.89 -43.87 -87.27
N ALA D 105 -1.69 -44.29 -86.88
CA ALA D 105 -0.59 -44.49 -87.86
C ALA D 105 -0.02 -45.86 -87.58
N LEU D 106 0.16 -46.64 -88.65
CA LEU D 106 0.67 -47.98 -88.59
C LEU D 106 1.99 -48.16 -89.34
N VAL D 107 2.93 -48.84 -88.71
CA VAL D 107 4.17 -49.31 -89.38
C VAL D 107 4.37 -50.83 -89.20
N GLU D 108 5.02 -51.41 -90.22
CA GLU D 108 5.07 -52.84 -90.38
C GLU D 108 6.47 -53.42 -90.20
N ASN D 109 6.48 -54.63 -89.65
CA ASN D 109 7.77 -55.35 -89.59
C ASN D 109 7.44 -56.81 -89.85
N SER D 110 8.29 -57.72 -89.44
CA SER D 110 8.14 -59.11 -89.83
C SER D 110 8.56 -60.12 -88.73
N ASP D 111 8.65 -61.40 -89.05
N ASP D 111 8.62 -61.41 -89.10
CA ASP D 111 8.75 -62.43 -87.99
CA ASP D 111 8.77 -62.56 -88.19
C ASP D 111 10.00 -62.26 -87.12
C ASP D 111 9.98 -62.41 -87.23
N ALA D 112 11.13 -61.88 -87.74
CA ALA D 112 12.34 -61.71 -86.98
C ALA D 112 12.42 -60.52 -86.04
N ASP D 113 11.38 -59.67 -86.05
CA ASP D 113 11.40 -58.40 -85.42
C ASP D 113 10.74 -58.31 -84.08
N TRP D 114 10.48 -59.45 -83.48
CA TRP D 114 9.84 -59.43 -82.19
C TRP D 114 10.57 -60.38 -81.25
N SER D 115 10.78 -59.97 -80.01
CA SER D 115 11.11 -60.92 -78.94
C SER D 115 10.19 -60.63 -77.71
N PHE D 116 9.25 -61.54 -77.42
CA PHE D 116 8.26 -61.32 -76.37
C PHE D 116 8.79 -61.64 -74.98
N GLY D 117 9.88 -62.40 -74.92
CA GLY D 117 10.47 -62.71 -73.64
C GLY D 117 11.68 -63.59 -73.75
N ARG D 118 12.52 -63.58 -72.69
CA ARG D 118 13.60 -64.55 -72.64
C ARG D 118 14.64 -64.48 -73.77
N GLY D 119 14.68 -63.34 -74.48
CA GLY D 119 15.56 -63.20 -75.60
C GLY D 119 15.29 -64.15 -76.74
N ARG D 120 14.02 -64.62 -76.83
CA ARG D 120 13.62 -65.59 -77.86
C ARG D 120 13.00 -64.85 -78.99
N ALA D 121 13.09 -65.33 -80.23
CA ALA D 121 12.36 -64.75 -81.34
C ALA D 121 11.22 -65.72 -81.60
N GLU D 122 10.08 -65.56 -80.90
CA GLU D 122 9.03 -66.60 -80.92
C GLU D 122 8.39 -66.89 -82.28
N PHE D 123 8.39 -65.90 -83.18
CA PHE D 123 7.86 -66.21 -84.50
C PHE D 123 8.83 -67.04 -85.33
N LEU D 124 10.13 -66.86 -85.06
CA LEU D 124 11.16 -67.61 -85.79
C LEU D 124 11.32 -69.02 -85.23
N THR D 125 11.14 -69.18 -83.91
CA THR D 125 11.19 -70.55 -83.29
C THR D 125 9.88 -71.34 -83.50
N GLY D 126 8.78 -70.64 -83.79
CA GLY D 126 7.50 -71.29 -83.98
C GLY D 126 6.79 -71.47 -82.63
N ASP D 127 7.26 -70.76 -81.59
CA ASP D 127 6.52 -70.74 -80.32
C ASP D 127 5.22 -69.95 -80.46
N LEU D 128 5.21 -69.03 -81.44
CA LEU D 128 3.99 -68.34 -81.88
C LEU D 128 3.93 -68.47 -83.40
N VAL D 129 2.69 -68.52 -83.91
CA VAL D 129 2.44 -68.38 -85.35
C VAL D 129 2.20 -67.02 -85.91
N PRO E 1 2.85 -36.71 -92.76
CA PRO E 1 3.57 -37.52 -91.80
C PRO E 1 3.30 -37.13 -90.32
N LEU E 2 3.80 -37.93 -89.46
CA LEU E 2 3.72 -37.65 -87.98
C LEU E 2 5.16 -37.42 -87.44
N LEU E 3 5.36 -36.32 -86.73
CA LEU E 3 6.67 -35.88 -86.23
C LEU E 3 6.71 -36.01 -84.73
N LYS E 4 7.58 -36.90 -84.23
CA LYS E 4 7.67 -37.11 -82.79
C LYS E 4 9.01 -36.63 -82.26
N PHE E 5 9.00 -35.70 -81.32
CA PHE E 5 10.27 -35.19 -80.82
C PHE E 5 10.57 -35.73 -79.44
N ASP E 6 11.83 -36.07 -79.17
CA ASP E 6 12.32 -36.40 -77.83
C ASP E 6 13.36 -35.34 -77.45
N LEU E 7 13.08 -34.58 -76.39
CA LEU E 7 13.96 -33.50 -75.98
C LEU E 7 14.18 -33.57 -74.44
N PHE E 8 15.17 -32.87 -73.92
CA PHE E 8 15.29 -32.72 -72.51
C PHE E 8 14.41 -31.57 -72.04
N TYR E 9 13.85 -31.68 -70.84
CA TYR E 9 13.23 -30.55 -70.15
C TYR E 9 14.13 -29.33 -70.11
N GLY E 10 13.49 -28.16 -70.02
CA GLY E 10 14.24 -26.94 -69.81
C GLY E 10 13.74 -25.79 -70.71
N ARG E 11 13.00 -26.11 -71.76
CA ARG E 11 12.50 -25.08 -72.62
C ARG E 11 11.19 -24.57 -72.10
N THR E 12 10.94 -23.28 -72.33
CA THR E 12 9.63 -22.70 -71.99
C THR E 12 8.60 -23.19 -72.98
N ASP E 13 7.30 -22.99 -72.70
CA ASP E 13 6.21 -23.33 -73.61
C ASP E 13 6.39 -22.64 -74.97
N ALA E 14 6.77 -21.35 -74.97
CA ALA E 14 6.99 -20.67 -76.22
C ALA E 14 8.15 -21.32 -77.01
N GLN E 15 9.23 -21.65 -76.31
CA GLN E 15 10.34 -22.28 -76.98
C GLN E 15 9.95 -23.66 -77.59
N ILE E 16 9.12 -24.42 -76.88
CA ILE E 16 8.67 -25.70 -77.41
C ILE E 16 7.85 -25.42 -78.67
N LYS E 17 6.94 -24.44 -78.60
CA LYS E 17 6.09 -24.14 -79.79
C LYS E 17 6.97 -23.64 -81.02
N SER E 18 7.98 -22.83 -80.72
N SER E 18 7.97 -22.81 -80.73
CA SER E 18 8.90 -22.39 -81.75
CA SER E 18 8.91 -22.38 -81.76
C SER E 18 9.62 -23.57 -82.41
C SER E 18 9.60 -23.56 -82.44
N LEU E 19 10.05 -24.55 -81.61
N LEU E 19 10.01 -24.54 -81.64
CA LEU E 19 10.65 -25.77 -82.11
CA LEU E 19 10.64 -25.76 -82.12
C LEU E 19 9.64 -26.47 -83.03
C LEU E 19 9.63 -26.48 -83.02
N LEU E 20 8.40 -26.63 -82.56
CA LEU E 20 7.45 -27.36 -83.38
C LEU E 20 7.14 -26.64 -84.68
N ASP E 21 7.02 -25.30 -84.62
CA ASP E 21 6.68 -24.50 -85.78
C ASP E 21 7.83 -24.53 -86.78
N ALA E 22 9.06 -24.45 -86.27
CA ALA E 22 10.26 -24.43 -87.18
C ALA E 22 10.28 -25.79 -87.92
N ALA E 23 10.09 -26.88 -87.17
CA ALA E 23 10.12 -28.18 -87.78
C ALA E 23 9.01 -28.42 -88.80
N HIS E 24 7.82 -27.94 -88.46
CA HIS E 24 6.67 -28.13 -89.34
C HIS E 24 6.86 -27.41 -90.68
N GLY E 25 7.45 -26.20 -90.63
CA GLY E 25 7.75 -25.47 -91.84
C GLY E 25 8.72 -26.18 -92.70
N ALA E 26 9.75 -26.68 -92.07
CA ALA E 26 10.77 -27.44 -92.81
C ALA E 26 10.13 -28.70 -93.49
N MET E 27 9.23 -29.38 -92.76
CA MET E 27 8.57 -30.53 -93.34
C MET E 27 7.67 -30.13 -94.54
N VAL E 28 6.81 -29.12 -94.37
CA VAL E 28 5.89 -28.79 -95.51
C VAL E 28 6.74 -28.32 -96.69
N ASP E 29 7.80 -27.59 -96.43
CA ASP E 29 8.65 -27.17 -97.56
C ASP E 29 9.24 -28.34 -98.26
N ALA E 30 9.84 -29.28 -97.50
CA ALA E 30 10.51 -30.42 -98.17
C ALA E 30 9.55 -31.46 -98.82
N PHE E 31 8.42 -31.66 -98.17
CA PHE E 31 7.50 -32.70 -98.64
C PHE E 31 6.33 -32.20 -99.53
N GLY E 32 6.08 -30.88 -99.53
CA GLY E 32 5.04 -30.31 -100.39
C GLY E 32 3.64 -30.75 -99.95
N VAL E 33 3.38 -30.67 -98.64
CA VAL E 33 2.07 -31.03 -98.11
C VAL E 33 1.34 -29.82 -97.55
N PRO E 34 0.03 -29.95 -97.40
CA PRO E 34 -0.77 -28.84 -96.90
C PRO E 34 -0.28 -28.34 -95.53
N ALA E 35 -0.32 -27.03 -95.30
CA ALA E 35 0.08 -26.51 -94.01
C ALA E 35 -0.71 -27.14 -92.81
N ASN E 36 -1.95 -27.58 -93.07
CA ASN E 36 -2.73 -28.19 -92.00
C ASN E 36 -2.58 -29.68 -91.89
N ASP E 37 -1.61 -30.25 -92.62
CA ASP E 37 -1.21 -31.62 -92.45
C ASP E 37 -0.16 -31.63 -91.32
N ARG E 38 -0.63 -31.33 -90.12
CA ARG E 38 0.24 -31.09 -88.94
C ARG E 38 -0.10 -32.10 -87.82
N TYR E 39 0.82 -33.00 -87.59
CA TYR E 39 0.70 -34.02 -86.56
C TYR E 39 2.03 -34.14 -85.83
N GLN E 40 2.10 -33.69 -84.60
CA GLN E 40 3.35 -33.59 -83.87
C GLN E 40 3.20 -33.91 -82.41
N THR E 41 4.17 -34.63 -81.87
CA THR E 41 4.17 -34.80 -80.40
C THR E 41 5.53 -34.53 -79.85
N VAL E 42 5.55 -34.25 -78.55
CA VAL E 42 6.82 -33.91 -77.87
C VAL E 42 6.89 -34.70 -76.55
N SER E 43 7.99 -35.42 -76.32
CA SER E 43 8.17 -36.13 -75.07
C SER E 43 9.43 -35.53 -74.44
N GLN E 44 9.27 -34.95 -73.26
CA GLN E 44 10.36 -34.26 -72.54
C GLN E 44 10.99 -35.22 -71.54
N HIS E 45 12.31 -35.13 -71.41
CA HIS E 45 13.07 -36.10 -70.63
C HIS E 45 13.92 -35.45 -69.56
N ARG E 46 14.10 -36.17 -68.47
CA ARG E 46 15.06 -35.78 -67.48
C ARG E 46 16.46 -36.13 -67.93
N PRO E 47 17.46 -35.48 -67.36
CA PRO E 47 18.85 -35.84 -67.66
C PRO E 47 19.00 -37.33 -67.41
N GLY E 48 19.76 -38.09 -68.18
CA GLY E 48 19.77 -39.52 -67.82
C GLY E 48 18.93 -40.26 -68.84
N GLU E 49 17.88 -39.64 -69.34
CA GLU E 49 16.88 -40.38 -70.12
C GLU E 49 17.11 -40.41 -71.64
N MET E 50 18.12 -39.69 -72.10
CA MET E 50 18.64 -39.85 -73.46
C MET E 50 20.16 -39.97 -73.42
N VAL E 51 20.73 -40.85 -74.28
CA VAL E 51 22.17 -40.86 -74.57
C VAL E 51 22.35 -40.85 -76.07
N LEU E 52 22.91 -39.73 -76.57
CA LEU E 52 22.96 -39.50 -78.02
C LEU E 52 24.33 -39.07 -78.37
N GLU E 53 25.13 -40.03 -78.86
CA GLU E 53 26.53 -39.81 -79.17
C GLU E 53 26.59 -39.46 -80.67
N ASP E 54 27.70 -39.76 -81.37
CA ASP E 54 27.80 -39.17 -82.70
C ASP E 54 28.42 -40.12 -83.70
N THR E 55 28.51 -41.43 -83.40
CA THR E 55 29.20 -42.41 -84.26
C THR E 55 30.58 -41.91 -84.74
N GLY E 56 31.28 -41.12 -83.91
CA GLY E 56 32.63 -40.65 -84.22
C GLY E 56 32.68 -39.55 -85.29
N LEU E 57 31.52 -38.92 -85.59
CA LEU E 57 31.44 -37.94 -86.65
C LEU E 57 31.94 -36.52 -86.26
N GLY E 58 32.25 -36.35 -84.97
CA GLY E 58 32.69 -35.07 -84.44
C GLY E 58 31.61 -34.05 -84.17
N TYR E 59 30.39 -34.46 -83.92
CA TYR E 59 29.35 -33.53 -83.51
C TYR E 59 29.40 -33.24 -82.05
N GLY E 60 29.17 -31.95 -81.76
CA GLY E 60 29.12 -31.38 -80.43
C GLY E 60 27.68 -31.25 -79.95
N ARG E 61 27.25 -32.17 -79.13
CA ARG E 61 25.86 -32.19 -78.67
C ARG E 61 25.83 -31.50 -77.36
N SER E 62 24.62 -31.08 -76.98
CA SER E 62 24.43 -30.41 -75.71
C SER E 62 23.09 -30.83 -75.17
N SER E 63 22.65 -30.21 -74.06
CA SER E 63 21.39 -30.57 -73.45
C SER E 63 20.17 -30.09 -74.29
N ALA E 64 20.44 -29.21 -75.27
CA ALA E 64 19.47 -28.74 -76.29
C ALA E 64 19.16 -29.79 -77.37
N VAL E 65 19.90 -30.89 -77.38
CA VAL E 65 19.65 -31.95 -78.38
C VAL E 65 18.20 -32.35 -78.66
N VAL E 66 17.90 -32.53 -79.95
CA VAL E 66 16.54 -32.81 -80.34
C VAL E 66 16.62 -34.06 -81.12
N LEU E 67 15.88 -35.08 -80.69
CA LEU E 67 15.72 -36.28 -81.51
C LEU E 67 14.35 -36.34 -82.15
N LEU E 68 14.34 -36.32 -83.47
CA LEU E 68 13.07 -36.39 -84.18
C LEU E 68 12.93 -37.75 -84.83
N THR E 69 11.80 -38.37 -84.57
CA THR E 69 11.39 -39.60 -85.28
C THR E 69 10.19 -39.24 -86.16
N VAL E 70 10.25 -39.67 -87.42
CA VAL E 70 9.21 -39.42 -88.41
C VAL E 70 8.52 -40.70 -88.90
N ILE E 71 7.20 -40.67 -88.96
CA ILE E 71 6.46 -41.72 -89.62
C ILE E 71 5.82 -41.11 -90.86
N SER E 72 6.07 -41.71 -92.01
CA SER E 72 5.65 -41.07 -93.25
C SER E 72 5.38 -42.11 -94.33
N ARG E 73 4.41 -41.85 -95.20
CA ARG E 73 4.41 -42.52 -96.51
C ARG E 73 5.73 -42.25 -97.27
N PRO E 74 6.06 -43.11 -98.27
CA PRO E 74 7.41 -43.07 -98.85
C PRO E 74 7.67 -41.72 -99.53
N ARG E 75 8.82 -41.11 -99.27
CA ARG E 75 9.22 -39.85 -99.92
C ARG E 75 10.51 -40.15 -100.68
N SER E 76 10.78 -39.42 -101.75
CA SER E 76 12.05 -39.62 -102.45
C SER E 76 13.27 -39.32 -101.60
N GLU E 77 14.39 -39.89 -101.99
CA GLU E 77 15.63 -39.59 -101.31
C GLU E 77 15.92 -38.07 -101.32
N GLU E 78 15.68 -37.43 -102.46
CA GLU E 78 15.85 -35.95 -102.61
C GLU E 78 15.01 -35.17 -101.60
N GLN E 79 13.74 -35.55 -101.46
CA GLN E 79 12.90 -34.92 -100.43
C GLN E 79 13.40 -35.09 -99.03
N LYS E 80 13.77 -36.31 -98.70
CA LYS E 80 14.36 -36.56 -97.37
C LYS E 80 15.66 -35.74 -97.15
N VAL E 81 16.63 -35.76 -98.09
CA VAL E 81 17.88 -34.98 -97.97
C VAL E 81 17.59 -33.49 -97.75
N CYS E 82 16.58 -33.01 -98.49
CA CYS E 82 16.08 -31.64 -98.35
C CYS E 82 15.56 -31.36 -96.98
N PHE E 83 14.66 -32.25 -96.51
CA PHE E 83 14.07 -32.05 -95.19
C PHE E 83 15.18 -31.90 -94.16
N TYR E 84 16.17 -32.80 -94.17
CA TYR E 84 17.17 -32.71 -93.08
C TYR E 84 17.85 -31.32 -93.08
N LYS E 85 18.22 -30.81 -94.28
CA LYS E 85 18.84 -29.49 -94.42
C LYS E 85 17.90 -28.36 -93.94
N LEU E 86 16.65 -28.39 -94.39
CA LEU E 86 15.66 -27.39 -94.00
C LEU E 86 15.40 -27.46 -92.52
N LEU E 87 15.42 -28.66 -91.97
CA LEU E 87 15.08 -28.80 -90.57
C LEU E 87 16.14 -28.12 -89.70
N THR E 88 17.41 -28.43 -89.94
CA THR E 88 18.42 -27.81 -89.10
C THR E 88 18.54 -26.34 -89.42
N GLY E 89 18.28 -25.92 -90.67
CA GLY E 89 18.34 -24.49 -90.94
C GLY E 89 17.31 -23.74 -90.06
N ALA E 90 16.07 -24.24 -90.05
CA ALA E 90 14.97 -23.64 -89.30
C ALA E 90 15.20 -23.75 -87.80
N LEU E 91 15.71 -24.88 -87.35
N LEU E 91 15.71 -24.88 -87.35
CA LEU E 91 15.87 -25.00 -85.88
CA LEU E 91 15.87 -25.00 -85.88
C LEU E 91 16.99 -24.05 -85.39
C LEU E 91 16.98 -24.04 -85.40
N GLU E 92 17.99 -23.79 -86.26
CA GLU E 92 19.09 -22.87 -85.88
C GLU E 92 18.50 -21.45 -85.85
N ARG E 93 17.88 -21.04 -86.94
CA ARG E 93 17.47 -19.65 -87.07
C ARG E 93 16.34 -19.35 -86.05
N ASP E 94 15.37 -20.25 -85.92
CA ASP E 94 14.20 -19.89 -85.11
C ASP E 94 14.33 -20.25 -83.61
N CYS E 95 15.21 -21.20 -83.31
CA CYS E 95 15.37 -21.66 -81.97
C CYS E 95 16.78 -21.56 -81.38
N GLY E 96 17.78 -21.24 -82.20
CA GLY E 96 19.13 -21.15 -81.70
C GLY E 96 19.70 -22.53 -81.41
N ILE E 97 19.15 -23.57 -82.04
CA ILE E 97 19.61 -24.95 -81.79
C ILE E 97 20.64 -25.27 -82.87
N SER E 98 21.85 -25.63 -82.41
CA SER E 98 22.93 -25.99 -83.33
C SER E 98 22.52 -27.17 -84.23
N PRO E 99 22.89 -27.15 -85.52
CA PRO E 99 22.71 -28.36 -86.36
C PRO E 99 23.39 -29.64 -85.78
N ASP E 100 24.44 -29.46 -84.99
CA ASP E 100 25.06 -30.61 -84.31
C ASP E 100 24.12 -31.24 -83.31
N ASP E 101 23.03 -30.55 -82.94
CA ASP E 101 22.14 -31.02 -81.87
C ASP E 101 20.83 -31.56 -82.44
N VAL E 102 20.86 -31.95 -83.73
CA VAL E 102 19.63 -32.42 -84.36
C VAL E 102 19.84 -33.81 -84.94
N ILE E 103 18.96 -34.78 -84.57
CA ILE E 103 19.09 -36.15 -85.08
C ILE E 103 17.73 -36.58 -85.60
N VAL E 104 17.67 -37.25 -86.76
CA VAL E 104 16.39 -37.67 -87.34
C VAL E 104 16.49 -39.12 -87.75
N ALA E 105 15.47 -39.87 -87.38
CA ALA E 105 15.26 -41.19 -87.91
C ALA E 105 13.83 -41.28 -88.54
N LEU E 106 13.77 -41.75 -89.76
CA LEU E 106 12.54 -41.83 -90.49
C LEU E 106 12.10 -43.29 -90.69
N VAL E 107 10.79 -43.55 -90.54
CA VAL E 107 10.33 -44.86 -90.89
C VAL E 107 9.14 -44.67 -91.83
N GLU E 108 8.99 -45.56 -92.79
CA GLU E 108 7.93 -45.38 -93.80
C GLU E 108 6.80 -46.37 -93.68
N ASN E 109 5.59 -45.92 -94.07
CA ASN E 109 4.48 -46.87 -94.19
C ASN E 109 3.75 -46.66 -95.52
N SER E 110 2.48 -47.05 -95.63
CA SER E 110 1.73 -46.97 -96.91
C SER E 110 0.34 -46.33 -96.76
N ASP E 111 -0.33 -46.27 -97.88
CA ASP E 111 -1.63 -45.62 -97.94
C ASP E 111 -2.61 -46.25 -96.95
N ALA E 112 -2.52 -47.56 -96.73
CA ALA E 112 -3.46 -48.22 -95.85
C ALA E 112 -3.25 -47.97 -94.36
N ASP E 113 -2.16 -47.25 -94.04
CA ASP E 113 -1.57 -47.25 -92.68
C ASP E 113 -1.86 -45.96 -91.94
N TRP E 114 -2.87 -45.21 -92.41
CA TRP E 114 -3.23 -43.98 -91.71
C TRP E 114 -4.73 -43.88 -91.57
N SER E 115 -5.18 -43.38 -90.43
CA SER E 115 -6.53 -42.94 -90.23
C SER E 115 -6.55 -41.63 -89.47
N PHE E 116 -6.92 -40.55 -90.18
CA PHE E 116 -6.80 -39.21 -89.56
C PHE E 116 -8.01 -38.85 -88.73
N GLY E 117 -9.11 -39.51 -88.98
CA GLY E 117 -10.27 -39.35 -88.09
C GLY E 117 -11.45 -40.13 -88.61
N ARG E 118 -12.47 -40.23 -87.79
CA ARG E 118 -13.68 -40.95 -88.06
C ARG E 118 -13.51 -42.36 -88.47
N GLY E 119 -12.40 -43.01 -88.14
CA GLY E 119 -12.27 -44.41 -88.48
C GLY E 119 -12.11 -44.67 -89.96
N ARG E 120 -11.79 -43.61 -90.79
CA ARG E 120 -11.73 -43.75 -92.27
C ARG E 120 -10.25 -43.94 -92.58
N ALA E 121 -9.90 -44.75 -93.58
CA ALA E 121 -8.53 -44.70 -94.10
C ALA E 121 -8.53 -43.71 -95.25
N GLU E 122 -8.18 -42.41 -95.04
CA GLU E 122 -8.48 -41.36 -96.00
C GLU E 122 -7.71 -41.56 -97.32
N PHE E 123 -6.48 -42.08 -97.29
CA PHE E 123 -5.80 -42.33 -98.58
C PHE E 123 -6.46 -43.45 -99.41
N LEU E 124 -7.15 -44.36 -98.76
CA LEU E 124 -7.84 -45.43 -99.41
C LEU E 124 -9.21 -44.97 -99.90
N THR E 125 -9.87 -44.09 -99.18
CA THR E 125 -11.18 -43.63 -99.59
C THR E 125 -11.10 -42.54 -100.65
N GLY E 126 -9.96 -41.85 -100.74
CA GLY E 126 -9.78 -40.75 -101.67
C GLY E 126 -10.10 -39.41 -101.00
N ASP E 127 -10.39 -39.39 -99.68
CA ASP E 127 -10.55 -38.08 -99.02
C ASP E 127 -9.21 -37.29 -99.00
N LEU E 128 -8.08 -37.99 -99.02
CA LEU E 128 -6.77 -37.36 -99.23
C LEU E 128 -6.07 -38.11 -100.36
N VAL E 129 -5.25 -37.41 -101.11
CA VAL E 129 -4.28 -37.98 -102.04
C VAL E 129 -2.93 -38.26 -101.43
N PRO F 1 21.62 -48.10 -84.99
CA PRO F 1 20.16 -48.02 -84.67
C PRO F 1 19.84 -47.01 -83.56
N LEU F 2 18.57 -46.87 -83.39
CA LEU F 2 18.00 -46.04 -82.24
C LEU F 2 17.18 -47.00 -81.31
N LEU F 3 17.49 -46.96 -80.01
CA LEU F 3 16.88 -47.83 -79.00
C LEU F 3 16.07 -46.86 -78.22
N LYS F 4 14.83 -47.39 -78.29
CA LYS F 4 13.84 -46.61 -77.38
C LYS F 4 13.13 -47.38 -76.30
N PHE F 5 13.38 -47.01 -75.02
CA PHE F 5 12.86 -47.84 -73.94
C PHE F 5 11.61 -47.24 -73.32
N ASP F 6 10.60 -48.10 -73.01
CA ASP F 6 9.45 -47.75 -72.17
C ASP F 6 9.56 -48.58 -70.90
N LEU F 7 9.72 -47.93 -69.76
CA LEU F 7 9.81 -48.59 -68.49
C LEU F 7 8.87 -47.91 -67.46
N PHE F 8 8.62 -48.56 -66.34
CA PHE F 8 7.85 -47.88 -65.27
C PHE F 8 8.84 -47.10 -64.40
N TYR F 9 8.36 -45.96 -63.86
CA TYR F 9 9.05 -45.23 -62.80
C TYR F 9 9.44 -46.06 -61.64
N GLY F 10 10.46 -45.60 -60.96
CA GLY F 10 10.89 -46.26 -59.72
C GLY F 10 12.42 -46.43 -59.68
N ARG F 11 13.10 -46.48 -60.83
CA ARG F 11 14.51 -46.75 -60.84
C ARG F 11 15.25 -45.50 -60.49
N THR F 12 16.35 -45.68 -59.76
CA THR F 12 17.29 -44.58 -59.58
C THR F 12 17.99 -44.19 -60.88
N ASP F 13 18.57 -43.00 -60.92
CA ASP F 13 19.41 -42.61 -62.06
C ASP F 13 20.52 -43.64 -62.40
N ALA F 14 21.18 -44.21 -61.42
CA ALA F 14 22.25 -45.15 -61.71
C ALA F 14 21.67 -46.45 -62.29
N GLN F 15 20.48 -46.81 -61.83
CA GLN F 15 19.78 -47.98 -62.39
C GLN F 15 19.36 -47.74 -63.81
N ILE F 16 18.91 -46.52 -64.08
CA ILE F 16 18.58 -46.19 -65.49
C ILE F 16 19.87 -46.23 -66.33
N LYS F 17 20.97 -45.63 -65.86
CA LYS F 17 22.25 -45.74 -66.51
C LYS F 17 22.70 -47.18 -66.78
N SER F 18 22.67 -48.01 -65.75
CA SER F 18 23.01 -49.41 -65.85
C SER F 18 22.24 -50.09 -67.00
N LEU F 19 20.97 -49.74 -67.13
CA LEU F 19 20.10 -50.37 -68.13
C LEU F 19 20.62 -50.00 -69.48
N LEU F 20 20.82 -48.71 -69.67
CA LEU F 20 21.18 -48.20 -70.99
C LEU F 20 22.53 -48.74 -71.38
N ASP F 21 23.47 -48.74 -70.42
CA ASP F 21 24.83 -49.21 -70.79
C ASP F 21 24.82 -50.72 -71.10
N ALA F 22 24.06 -51.50 -70.30
CA ALA F 22 23.90 -52.92 -70.55
C ALA F 22 23.34 -53.19 -71.97
N ALA F 23 22.26 -52.49 -72.35
CA ALA F 23 21.63 -52.64 -73.64
C ALA F 23 22.57 -52.19 -74.79
N HIS F 24 23.29 -51.11 -74.57
CA HIS F 24 24.16 -50.58 -75.59
C HIS F 24 25.30 -51.60 -75.94
N GLY F 25 25.90 -52.16 -74.92
CA GLY F 25 26.98 -53.16 -75.08
C GLY F 25 26.47 -54.35 -75.87
N ALA F 26 25.27 -54.85 -75.52
CA ALA F 26 24.63 -55.99 -76.19
C ALA F 26 24.40 -55.62 -77.67
N MET F 27 23.88 -54.43 -77.91
CA MET F 27 23.66 -54.02 -79.30
C MET F 27 24.97 -53.98 -80.13
N VAL F 28 25.98 -53.32 -79.60
CA VAL F 28 27.24 -53.26 -80.33
C VAL F 28 27.82 -54.66 -80.63
N ASP F 29 27.79 -55.56 -79.65
CA ASP F 29 28.23 -56.95 -79.76
C ASP F 29 27.47 -57.75 -80.84
N ALA F 30 26.14 -57.63 -80.89
CA ALA F 30 25.33 -58.34 -81.86
C ALA F 30 25.43 -57.74 -83.22
N PHE F 31 25.43 -56.40 -83.30
CA PHE F 31 25.33 -55.70 -84.60
C PHE F 31 26.70 -55.32 -85.24
N GLY F 32 27.77 -55.26 -84.47
CA GLY F 32 29.08 -55.02 -85.09
C GLY F 32 29.27 -53.56 -85.52
N VAL F 33 28.53 -52.66 -84.93
CA VAL F 33 28.62 -51.21 -85.24
C VAL F 33 29.70 -50.58 -84.32
N PRO F 34 30.13 -49.35 -84.64
CA PRO F 34 31.10 -48.62 -83.79
C PRO F 34 30.58 -48.47 -82.38
N ALA F 35 31.47 -48.47 -81.38
CA ALA F 35 31.04 -48.35 -80.02
C ALA F 35 30.36 -47.03 -79.71
N ASN F 36 30.61 -46.02 -80.53
CA ASN F 36 29.97 -44.71 -80.23
C ASN F 36 28.73 -44.47 -81.10
N ASP F 37 28.26 -45.54 -81.78
CA ASP F 37 26.95 -45.50 -82.48
C ASP F 37 25.90 -45.70 -81.40
N ARG F 38 25.71 -44.66 -80.55
CA ARG F 38 24.89 -44.86 -79.36
C ARG F 38 23.71 -43.81 -79.35
N TYR F 39 22.48 -44.30 -79.54
CA TYR F 39 21.34 -43.40 -79.66
C TYR F 39 20.23 -44.08 -78.86
N GLN F 40 19.85 -43.53 -77.71
CA GLN F 40 18.92 -44.23 -76.84
C GLN F 40 18.00 -43.24 -76.15
N THR F 41 16.76 -43.62 -75.96
CA THR F 41 15.87 -42.76 -75.14
C THR F 41 15.19 -43.67 -74.13
N VAL F 42 14.72 -43.05 -73.02
CA VAL F 42 13.97 -43.77 -71.99
C VAL F 42 12.78 -42.94 -71.68
N SER F 43 11.61 -43.55 -71.72
CA SER F 43 10.40 -42.84 -71.29
C SER F 43 9.82 -43.56 -70.11
N GLN F 44 9.65 -42.87 -68.98
CA GLN F 44 9.16 -43.51 -67.77
C GLN F 44 7.63 -43.42 -67.58
N HIS F 45 7.02 -44.49 -67.10
CA HIS F 45 5.56 -44.53 -67.05
C HIS F 45 4.97 -44.71 -65.69
N ARG F 46 3.82 -44.10 -65.45
CA ARG F 46 3.13 -44.40 -64.16
C ARG F 46 2.45 -45.73 -64.29
N PRO F 47 2.09 -46.35 -63.16
CA PRO F 47 1.40 -47.65 -63.23
C PRO F 47 0.13 -47.41 -64.07
N GLY F 48 -0.29 -48.37 -64.86
CA GLY F 48 -1.46 -48.00 -65.64
C GLY F 48 -1.05 -47.76 -67.07
N GLU F 49 0.10 -47.15 -67.26
CA GLU F 49 0.51 -46.63 -68.56
C GLU F 49 1.12 -47.70 -69.47
N MET F 50 1.32 -48.92 -68.98
CA MET F 50 1.69 -50.01 -69.85
C MET F 50 0.91 -51.22 -69.43
N VAL F 51 0.48 -51.94 -70.44
CA VAL F 51 -0.13 -53.26 -70.20
C VAL F 51 0.63 -54.18 -71.14
N LEU F 52 1.30 -55.16 -70.56
CA LEU F 52 2.24 -55.99 -71.36
C LEU F 52 2.03 -57.40 -70.91
N GLU F 53 1.26 -58.17 -71.68
CA GLU F 53 0.96 -59.55 -71.33
C GLU F 53 1.95 -60.48 -72.02
N ASP F 54 1.59 -61.73 -72.32
CA ASP F 54 2.66 -62.65 -72.79
C ASP F 54 2.22 -63.56 -73.91
N THR F 55 1.08 -63.28 -74.54
CA THR F 55 0.52 -64.11 -75.59
C THR F 55 0.43 -65.60 -75.23
N GLY F 56 0.18 -65.86 -73.94
CA GLY F 56 0.05 -67.22 -73.39
C GLY F 56 1.35 -68.00 -73.39
N LEU F 57 2.47 -67.32 -73.54
CA LEU F 57 3.78 -68.02 -73.49
C LEU F 57 4.29 -68.41 -72.08
N GLY F 58 3.69 -67.85 -71.04
CA GLY F 58 4.13 -68.15 -69.70
C GLY F 58 5.25 -67.31 -69.16
N TYR F 59 5.29 -66.05 -69.53
CA TYR F 59 6.26 -65.12 -68.96
C TYR F 59 5.62 -64.41 -67.74
N GLY F 60 6.34 -64.50 -66.62
CA GLY F 60 6.06 -63.76 -65.42
C GLY F 60 6.64 -62.36 -65.45
N ARG F 61 5.77 -61.39 -65.80
CA ARG F 61 6.18 -59.99 -65.85
C ARG F 61 6.06 -59.34 -64.50
N SER F 62 6.84 -58.29 -64.27
CA SER F 62 6.74 -57.47 -63.04
C SER F 62 6.78 -56.02 -63.38
N SER F 63 6.74 -55.17 -62.36
CA SER F 63 6.85 -53.76 -62.62
C SER F 63 8.26 -53.33 -63.15
N ALA F 64 9.23 -54.27 -63.19
CA ALA F 64 10.55 -54.02 -63.70
C ALA F 64 10.60 -54.21 -65.20
N VAL F 65 9.45 -54.58 -65.77
CA VAL F 65 9.32 -54.77 -67.23
C VAL F 65 9.92 -53.65 -68.13
N VAL F 66 10.71 -54.10 -69.10
CA VAL F 66 11.35 -53.24 -70.08
C VAL F 66 10.79 -53.50 -71.48
N LEU F 67 10.14 -52.50 -72.04
CA LEU F 67 9.83 -52.52 -73.50
C LEU F 67 10.88 -51.73 -74.31
N LEU F 68 11.46 -52.41 -75.31
CA LEU F 68 12.45 -51.80 -76.19
C LEU F 68 11.96 -51.82 -77.62
N THR F 69 11.86 -50.63 -78.22
CA THR F 69 11.57 -50.44 -79.65
C THR F 69 12.84 -49.99 -80.30
N VAL F 70 13.21 -50.68 -81.38
CA VAL F 70 14.48 -50.42 -82.07
C VAL F 70 14.12 -49.97 -83.49
N ILE F 71 14.70 -48.86 -83.94
CA ILE F 71 14.62 -48.50 -85.37
C ILE F 71 16.02 -48.74 -85.94
N SER F 72 16.10 -49.52 -87.03
CA SER F 72 17.39 -49.93 -87.57
C SER F 72 17.34 -50.11 -89.07
N ARG F 73 18.45 -49.82 -89.73
CA ARG F 73 18.67 -50.35 -91.09
C ARG F 73 18.59 -51.88 -91.01
N PRO F 74 18.37 -52.55 -92.14
CA PRO F 74 18.21 -54.01 -92.16
C PRO F 74 19.45 -54.79 -91.60
N ARG F 75 19.20 -55.66 -90.63
CA ARG F 75 20.21 -56.56 -90.10
C ARG F 75 19.79 -57.97 -90.49
N SER F 76 20.73 -58.92 -90.43
CA SER F 76 20.37 -60.29 -90.67
C SER F 76 19.52 -60.87 -89.57
N GLU F 77 18.78 -61.91 -89.92
CA GLU F 77 18.03 -62.64 -88.92
C GLU F 77 18.95 -63.11 -87.80
N GLU F 78 20.17 -63.53 -88.16
CA GLU F 78 21.10 -64.06 -87.12
C GLU F 78 21.49 -62.97 -86.12
N GLN F 79 21.71 -61.74 -86.62
CA GLN F 79 22.13 -60.66 -85.75
C GLN F 79 20.99 -60.23 -84.84
N LYS F 80 19.75 -60.21 -85.38
CA LYS F 80 18.59 -59.91 -84.49
C LYS F 80 18.39 -60.93 -83.37
N VAL F 81 18.41 -62.21 -83.75
CA VAL F 81 18.34 -63.35 -82.78
C VAL F 81 19.46 -63.23 -81.73
N CYS F 82 20.67 -62.88 -82.21
N CYS F 82 20.67 -62.90 -82.21
CA CYS F 82 21.80 -62.71 -81.31
CA CYS F 82 21.80 -62.73 -81.31
C CYS F 82 21.54 -61.57 -80.33
C CYS F 82 21.54 -61.57 -80.33
N PHE F 83 21.13 -60.44 -80.88
CA PHE F 83 20.85 -59.27 -80.10
C PHE F 83 19.81 -59.58 -78.96
N TYR F 84 18.73 -60.27 -79.29
CA TYR F 84 17.73 -60.53 -78.21
C TYR F 84 18.38 -61.30 -77.05
N LYS F 85 19.17 -62.34 -77.37
CA LYS F 85 19.93 -63.12 -76.39
C LYS F 85 20.92 -62.27 -75.57
N LEU F 86 21.73 -61.44 -76.25
CA LEU F 86 22.74 -60.66 -75.57
C LEU F 86 22.09 -59.62 -74.71
N LEU F 87 21.02 -59.01 -75.24
CA LEU F 87 20.27 -58.03 -74.49
C LEU F 87 19.75 -58.56 -73.15
N THR F 88 19.00 -59.66 -73.19
CA THR F 88 18.43 -60.24 -71.92
C THR F 88 19.57 -60.69 -71.03
N GLY F 89 20.63 -61.27 -71.63
CA GLY F 89 21.74 -61.75 -70.80
C GLY F 89 22.33 -60.56 -70.04
N ALA F 90 22.50 -59.42 -70.72
CA ALA F 90 23.19 -58.28 -70.12
C ALA F 90 22.29 -57.59 -69.10
N LEU F 91 21.00 -57.40 -69.43
CA LEU F 91 20.06 -56.78 -68.47
C LEU F 91 19.92 -57.67 -67.24
N GLU F 92 20.02 -58.96 -67.40
CA GLU F 92 19.97 -59.81 -66.22
C GLU F 92 21.24 -59.68 -65.34
N ARG F 93 22.41 -59.84 -65.98
CA ARG F 93 23.65 -59.80 -65.23
C ARG F 93 23.94 -58.45 -64.64
N ASP F 94 23.70 -57.38 -65.39
CA ASP F 94 24.14 -56.04 -64.96
C ASP F 94 23.08 -55.28 -64.19
N CYS F 95 21.81 -55.62 -64.39
CA CYS F 95 20.68 -54.89 -63.81
C CYS F 95 19.72 -55.69 -62.93
N GLY F 96 19.85 -57.01 -62.89
CA GLY F 96 18.98 -57.88 -62.14
C GLY F 96 17.56 -57.87 -62.71
N ILE F 97 17.44 -57.64 -64.01
CA ILE F 97 16.15 -57.68 -64.72
C ILE F 97 15.96 -59.09 -65.26
N SER F 98 14.87 -59.75 -64.85
CA SER F 98 14.53 -61.08 -65.35
C SER F 98 14.34 -61.05 -66.86
N PRO F 99 14.90 -62.07 -67.56
CA PRO F 99 14.60 -62.23 -68.97
C PRO F 99 13.11 -62.30 -69.30
N ASP F 100 12.31 -62.61 -68.28
CA ASP F 100 10.84 -62.63 -68.47
C ASP F 100 10.29 -61.23 -68.55
N ASP F 101 11.07 -60.22 -68.18
CA ASP F 101 10.62 -58.84 -68.09
C ASP F 101 11.22 -58.03 -69.28
N VAL F 102 11.65 -58.72 -70.33
CA VAL F 102 12.20 -58.01 -71.49
C VAL F 102 11.43 -58.25 -72.77
N ILE F 103 10.96 -57.18 -73.41
CA ILE F 103 10.16 -57.33 -74.66
C ILE F 103 10.78 -56.43 -75.69
N VAL F 104 10.97 -56.94 -76.92
CA VAL F 104 11.60 -56.15 -78.02
C VAL F 104 10.76 -56.16 -79.30
N ALA F 105 10.60 -54.98 -79.91
CA ALA F 105 10.02 -54.82 -81.22
C ALA F 105 10.96 -54.01 -82.11
N LEU F 106 11.30 -54.56 -83.27
CA LEU F 106 12.10 -53.88 -84.21
C LEU F 106 11.39 -53.45 -85.53
N VAL F 107 11.75 -52.22 -85.91
CA VAL F 107 11.27 -51.62 -87.15
C VAL F 107 12.45 -51.14 -88.00
N GLU F 108 12.32 -51.33 -89.31
CA GLU F 108 13.44 -51.10 -90.23
C GLU F 108 13.22 -49.87 -91.12
N ASN F 109 14.33 -49.27 -91.51
CA ASN F 109 14.29 -48.25 -92.53
C ASN F 109 15.56 -48.44 -93.36
N SER F 110 16.02 -47.40 -94.08
CA SER F 110 17.15 -47.56 -94.94
C SER F 110 18.11 -46.37 -94.91
N ASP F 111 19.07 -46.38 -95.83
CA ASP F 111 20.16 -45.44 -95.78
C ASP F 111 19.69 -43.98 -95.83
N ALA F 112 18.66 -43.69 -96.63
CA ALA F 112 18.22 -42.34 -96.73
C ALA F 112 17.42 -41.82 -95.55
N ASP F 113 17.27 -42.65 -94.49
CA ASP F 113 16.32 -42.40 -93.43
C ASP F 113 16.92 -41.96 -92.11
N TRP F 114 18.21 -41.62 -92.10
CA TRP F 114 18.92 -41.15 -90.91
C TRP F 114 19.65 -39.84 -91.19
N SER F 115 19.56 -38.95 -90.24
CA SER F 115 20.48 -37.81 -90.19
C SER F 115 21.03 -37.66 -88.77
N PHE F 116 22.33 -37.86 -88.57
CA PHE F 116 22.85 -37.92 -87.22
C PHE F 116 23.31 -36.56 -86.81
N GLY F 117 23.33 -35.63 -87.75
CA GLY F 117 23.62 -34.22 -87.42
C GLY F 117 23.81 -33.38 -88.64
N ARG F 118 23.77 -32.07 -88.44
CA ARG F 118 24.08 -31.12 -89.46
C ARG F 118 23.23 -31.14 -90.70
N GLY F 119 22.03 -31.78 -90.61
CA GLY F 119 21.16 -31.93 -91.76
C GLY F 119 21.70 -32.82 -92.88
N ARG F 120 22.71 -33.65 -92.57
CA ARG F 120 23.33 -34.57 -93.52
C ARG F 120 22.72 -35.94 -93.37
N ALA F 121 22.73 -36.65 -94.48
CA ALA F 121 22.31 -38.04 -94.50
C ALA F 121 23.61 -38.78 -94.64
N GLU F 122 24.26 -39.10 -93.55
CA GLU F 122 25.64 -39.62 -93.52
C GLU F 122 25.75 -40.97 -94.21
N PHE F 123 24.66 -41.75 -94.30
CA PHE F 123 24.76 -42.97 -95.06
C PHE F 123 24.79 -42.70 -96.55
N LEU F 124 24.13 -41.61 -96.96
CA LEU F 124 24.16 -41.24 -98.37
C LEU F 124 25.46 -40.57 -98.76
N THR F 125 26.02 -39.74 -97.88
CA THR F 125 27.21 -38.97 -98.23
C THR F 125 28.44 -39.83 -98.14
N GLY F 126 28.31 -40.99 -97.50
CA GLY F 126 29.46 -41.83 -97.26
C GLY F 126 30.24 -41.54 -95.98
N ASP F 127 29.87 -40.50 -95.21
CA ASP F 127 30.50 -40.27 -93.92
C ASP F 127 30.43 -41.49 -92.98
N LEU F 128 29.38 -42.30 -93.15
CA LEU F 128 29.30 -43.54 -92.39
C LEU F 128 28.97 -44.62 -93.36
N VAL F 129 29.48 -45.79 -93.06
CA VAL F 129 29.06 -46.97 -93.74
C VAL F 129 28.06 -47.52 -92.81
#